data_1P35
#
_entry.id   1P35
#
_cell.length_a   114.580
_cell.length_b   130.110
_cell.length_c   181.080
_cell.angle_alpha   90.00
_cell.angle_beta   90.00
_cell.angle_gamma   90.00
#
_symmetry.space_group_name_H-M   'C 2 2 21'
#
loop_
_entity.id
_entity.type
_entity.pdbx_description
1 polymer P35
2 non-polymer 'PHOSPHATE ION'
3 non-polymer 1,2-ETHANEDIOL
4 water water
#
_entity_poly.entity_id   1
_entity_poly.type   'polypeptide(L)'
_entity_poly.pdbx_seq_one_letter_code
;CVIFPVEIDVSQTIIRDCQVDKQTRELVYINKIMNTQLTKPVLMMFNISGPIRSVTRKNNNLRDRIKSKVDEQFDQLERD
YSDQMDGFHDSIKYFKDEHYSVSCQNGSVLKSKFAKILKSHDYTDKKSIEAYEKYCLPKLVDERNDYYVAVCVLKPGFEN
GSNQVLSFEYNPIGNKVIVPFAHEINDTGLYEYDVVAYVDSVQFDGEQFEEFVQSLILPSSFKNSEKVLYYNEASKNKSM
IYKALEFTTESSWGKSEKYNWKIFCNGFIYDKKSKVLYVKLHNVTSALNKNVILNTIKA
;
_entity_poly.pdbx_strand_id   A,B,C
#
loop_
_chem_comp.id
_chem_comp.type
_chem_comp.name
_chem_comp.formula
EDO non-polymer 1,2-ETHANEDIOL 'C2 H6 O2'
PO4 non-polymer 'PHOSPHATE ION' 'O4 P -3'
#
# COMPACT_ATOMS: atom_id res chain seq x y z
N CYS A 1 -36.79 7.65 23.75
CA CYS A 1 -37.42 7.19 22.53
C CYS A 1 -38.78 7.83 22.41
N VAL A 2 -39.48 7.88 23.53
CA VAL A 2 -40.82 8.52 23.60
C VAL A 2 -40.38 9.95 23.88
N ILE A 3 -40.34 10.73 22.83
CA ILE A 3 -39.85 12.10 22.94
C ILE A 3 -40.90 13.18 23.08
N PHE A 4 -40.59 14.17 23.92
CA PHE A 4 -41.49 15.30 24.18
C PHE A 4 -40.59 16.51 24.23
N PRO A 5 -41.02 17.65 23.67
CA PRO A 5 -42.20 18.06 22.91
C PRO A 5 -42.34 17.09 21.73
N VAL A 6 -43.55 16.92 21.20
CA VAL A 6 -43.73 15.97 20.11
C VAL A 6 -43.27 16.42 18.72
N GLU A 7 -42.96 17.69 18.54
CA GLU A 7 -42.49 18.16 17.24
C GLU A 7 -41.16 17.41 16.95
N ILE A 8 -40.15 17.72 17.78
CA ILE A 8 -38.80 17.20 17.73
C ILE A 8 -38.47 16.16 16.68
N ASP A 9 -37.47 16.48 15.85
CA ASP A 9 -36.99 15.61 14.79
C ASP A 9 -35.67 14.95 15.21
N VAL A 10 -35.64 13.63 15.16
CA VAL A 10 -34.50 12.82 15.52
C VAL A 10 -34.18 11.82 14.44
N SER A 11 -32.94 11.30 14.48
CA SER A 11 -32.49 10.22 13.59
C SER A 11 -31.24 9.56 14.14
N GLN A 12 -30.77 8.53 13.45
CA GLN A 12 -29.54 7.87 13.83
C GLN A 12 -29.39 7.49 15.33
N THR A 13 -30.33 6.68 15.81
CA THR A 13 -30.30 6.21 17.17
C THR A 13 -29.45 4.92 17.22
N ILE A 14 -28.52 4.89 18.16
CA ILE A 14 -27.62 3.76 18.37
C ILE A 14 -27.76 3.31 19.82
N ILE A 15 -27.94 2.00 20.01
CA ILE A 15 -28.19 1.43 21.30
C ILE A 15 -27.34 0.23 21.56
N ARG A 16 -26.91 0.09 22.81
CA ARG A 16 -26.17 -1.09 23.23
C ARG A 16 -26.64 -1.38 24.65
N ASP A 17 -26.89 -2.65 24.94
CA ASP A 17 -27.33 -3.04 26.27
C ASP A 17 -26.64 -4.38 26.52
N CYS A 18 -25.80 -4.42 27.55
CA CYS A 18 -25.02 -5.60 27.88
C CYS A 18 -25.14 -5.99 29.37
N GLN A 19 -24.93 -7.28 29.67
CA GLN A 19 -24.96 -7.78 31.04
C GLN A 19 -23.64 -7.27 31.61
N VAL A 20 -23.65 -6.69 32.81
CA VAL A 20 -22.43 -6.18 33.47
C VAL A 20 -21.99 -7.28 34.43
N ASP A 21 -22.97 -7.83 35.16
CA ASP A 21 -22.82 -8.97 36.07
C ASP A 21 -24.17 -9.64 36.25
N LYS A 22 -24.19 -10.68 37.09
CA LYS A 22 -25.42 -11.41 37.34
C LYS A 22 -26.66 -10.54 37.64
N GLN A 23 -26.50 -9.33 38.20
CA GLN A 23 -27.71 -8.54 38.46
C GLN A 23 -27.65 -7.11 37.98
N THR A 24 -26.77 -6.87 37.02
CA THR A 24 -26.63 -5.54 36.49
C THR A 24 -26.45 -5.61 34.99
N ARG A 25 -26.99 -4.63 34.29
CA ARG A 25 -26.82 -4.54 32.84
C ARG A 25 -26.60 -3.05 32.54
N GLU A 26 -26.02 -2.76 31.37
CA GLU A 26 -25.78 -1.36 31.01
C GLU A 26 -26.44 -0.99 29.67
N LEU A 27 -27.08 0.17 29.65
CA LEU A 27 -27.72 0.68 28.50
C LEU A 27 -26.96 1.91 28.03
N VAL A 28 -26.56 1.90 26.75
CA VAL A 28 -25.88 2.99 26.09
C VAL A 28 -26.92 3.37 25.04
N TYR A 29 -27.23 4.67 25.00
CA TYR A 29 -28.29 5.11 24.13
C TYR A 29 -27.76 6.43 23.58
N ILE A 30 -27.68 6.50 22.24
CA ILE A 30 -27.17 7.65 21.51
C ILE A 30 -28.12 8.01 20.37
N ASN A 31 -28.38 9.31 20.22
CA ASN A 31 -29.22 9.72 19.07
C ASN A 31 -28.81 11.10 18.59
N LYS A 32 -29.45 11.58 17.53
CA LYS A 32 -29.13 12.90 17.02
C LYS A 32 -30.34 13.75 16.76
N ILE A 33 -30.50 14.80 17.56
CA ILE A 33 -31.66 15.72 17.44
C ILE A 33 -31.40 16.93 16.55
N MET A 34 -32.34 17.20 15.65
CA MET A 34 -32.25 18.27 14.66
C MET A 34 -32.74 19.70 14.94
N ASN A 35 -33.53 19.94 15.99
CA ASN A 35 -34.03 21.30 16.26
C ASN A 35 -33.04 22.36 16.78
N THR A 36 -33.21 23.60 16.33
CA THR A 36 -32.34 24.72 16.75
C THR A 36 -33.08 25.72 17.62
N GLN A 37 -34.39 25.88 17.38
CA GLN A 37 -35.20 26.80 18.14
C GLN A 37 -35.13 26.47 19.64
N LEU A 38 -35.93 25.50 20.05
CA LEU A 38 -36.03 24.99 21.42
C LEU A 38 -35.50 25.87 22.56
N THR A 39 -36.43 26.37 23.35
CA THR A 39 -36.09 27.21 24.50
C THR A 39 -36.21 26.38 25.80
N LYS A 40 -36.91 25.25 25.72
CA LYS A 40 -37.07 24.34 26.88
C LYS A 40 -36.39 22.99 26.61
N PRO A 41 -36.15 22.20 27.66
CA PRO A 41 -35.50 20.92 27.39
C PRO A 41 -36.35 19.86 26.65
N VAL A 42 -35.61 18.89 26.10
CA VAL A 42 -36.19 17.76 25.41
C VAL A 42 -36.27 16.71 26.55
N LEU A 43 -37.43 16.11 26.72
CA LEU A 43 -37.61 15.06 27.72
C LEU A 43 -37.78 13.75 26.92
N MET A 44 -36.76 12.89 26.94
CA MET A 44 -36.87 11.62 26.26
C MET A 44 -37.06 10.55 27.33
N MET A 45 -38.07 9.71 27.18
CA MET A 45 -38.29 8.71 28.21
C MET A 45 -38.49 7.38 27.62
N PHE A 46 -38.18 6.33 28.36
CA PHE A 46 -38.42 5.02 27.78
C PHE A 46 -38.33 3.96 28.85
N ASN A 47 -38.94 2.83 28.55
CA ASN A 47 -38.96 1.72 29.47
C ASN A 47 -37.65 0.95 29.56
N ILE A 48 -37.36 0.48 30.77
CA ILE A 48 -36.21 -0.37 31.04
C ILE A 48 -36.72 -1.46 32.01
N SER A 49 -36.05 -2.60 32.09
CA SER A 49 -36.53 -3.69 32.94
C SER A 49 -36.20 -3.58 34.46
N GLY A 50 -35.51 -2.52 34.88
CA GLY A 50 -35.20 -2.38 36.29
C GLY A 50 -34.68 -1.00 36.72
N PRO A 51 -34.55 -0.78 38.03
CA PRO A 51 -34.10 0.52 38.50
C PRO A 51 -32.70 0.89 38.11
N ILE A 52 -32.51 2.17 37.77
CA ILE A 52 -31.21 2.68 37.42
C ILE A 52 -30.37 2.77 38.69
N ARG A 53 -29.08 2.52 38.56
CA ARG A 53 -28.25 2.56 39.70
C ARG A 53 -27.20 3.65 39.61
N SER A 54 -26.54 3.76 38.46
CA SER A 54 -25.59 4.84 38.28
C SER A 54 -25.40 5.10 36.79
N VAL A 55 -24.88 6.27 36.45
CA VAL A 55 -24.65 6.61 35.06
C VAL A 55 -23.20 6.28 34.80
N THR A 56 -22.89 5.94 33.57
CA THR A 56 -21.52 5.61 33.29
C THR A 56 -20.98 6.57 32.23
N ARG A 57 -19.69 6.47 31.96
CA ARG A 57 -19.02 7.30 30.94
C ARG A 57 -18.34 6.29 30.02
N LYS A 58 -18.60 6.40 28.73
CA LYS A 58 -18.00 5.50 27.77
C LYS A 58 -16.95 6.27 27.00
N ASN A 59 -16.08 5.54 26.32
CA ASN A 59 -15.00 6.16 25.54
C ASN A 59 -15.63 6.83 24.31
N ASN A 60 -14.93 7.83 23.75
CA ASN A 60 -15.48 8.61 22.65
C ASN A 60 -15.75 7.83 21.36
N ASN A 61 -15.28 6.61 21.27
CA ASN A 61 -15.50 5.87 20.05
C ASN A 61 -16.53 4.81 20.07
N LEU A 62 -17.11 4.58 21.24
CA LEU A 62 -18.11 3.51 21.36
C LEU A 62 -19.24 3.56 20.33
N ARG A 63 -19.72 4.78 20.09
CA ARG A 63 -20.79 5.04 19.19
C ARG A 63 -20.56 4.38 17.82
N ASP A 64 -19.41 4.66 17.22
CA ASP A 64 -19.08 4.14 15.91
C ASP A 64 -18.74 2.64 15.96
N ARG A 65 -18.28 2.15 17.10
CA ARG A 65 -17.97 0.73 17.19
C ARG A 65 -19.29 -0.06 17.25
N ILE A 66 -20.30 0.48 17.92
CA ILE A 66 -21.59 -0.23 18.00
C ILE A 66 -22.11 -0.31 16.56
N LYS A 67 -22.23 0.83 15.93
CA LYS A 67 -22.73 0.92 14.60
C LYS A 67 -21.93 0.05 13.60
N SER A 68 -20.62 0.00 13.75
CA SER A 68 -19.79 -0.81 12.85
C SER A 68 -20.03 -2.27 13.05
N LYS A 69 -20.24 -2.66 14.31
CA LYS A 69 -20.44 -4.06 14.57
C LYS A 69 -21.77 -4.57 14.02
N VAL A 70 -22.79 -3.73 14.10
CA VAL A 70 -24.12 -4.08 13.61
C VAL A 70 -24.05 -4.17 12.12
N ASP A 71 -23.54 -3.11 11.47
CA ASP A 71 -23.36 -3.07 10.02
C ASP A 71 -22.54 -4.25 9.48
N GLU A 72 -21.57 -4.78 10.22
CA GLU A 72 -20.82 -5.87 9.60
C GLU A 72 -21.58 -7.22 9.67
N GLN A 73 -22.66 -7.28 10.44
CA GLN A 73 -23.41 -8.51 10.46
C GLN A 73 -24.39 -8.48 9.28
N PHE A 74 -24.92 -7.29 8.97
CA PHE A 74 -25.87 -7.14 7.90
C PHE A 74 -25.25 -7.07 6.51
N ASP A 75 -24.02 -6.56 6.44
CA ASP A 75 -23.33 -6.47 5.17
C ASP A 75 -23.22 -7.85 4.59
N GLN A 76 -23.02 -8.82 5.48
CA GLN A 76 -22.90 -10.21 5.10
C GLN A 76 -24.17 -10.75 4.45
N LEU A 77 -25.25 -9.99 4.49
CA LEU A 77 -26.48 -10.49 3.91
C LEU A 77 -26.67 -9.88 2.54
N GLU A 78 -26.00 -8.75 2.34
CA GLU A 78 -26.11 -7.97 1.12
C GLU A 78 -25.20 -8.33 -0.04
N ARG A 79 -25.60 -7.86 -1.22
CA ARG A 79 -24.90 -8.05 -2.48
C ARG A 79 -25.08 -6.69 -3.14
N ASP A 80 -24.10 -5.83 -2.90
CA ASP A 80 -24.14 -4.49 -3.45
C ASP A 80 -23.01 -4.42 -4.44
N TYR A 81 -23.36 -4.43 -5.72
CA TYR A 81 -22.36 -4.40 -6.79
C TYR A 81 -22.04 -2.99 -7.30
N SER A 82 -21.99 -2.00 -6.41
CA SER A 82 -21.68 -0.64 -6.83
C SER A 82 -20.59 0.00 -5.95
N ASP A 83 -19.56 0.55 -6.58
CA ASP A 83 -18.48 1.23 -5.82
C ASP A 83 -18.44 2.71 -6.20
N GLN A 84 -19.63 3.28 -6.41
CA GLN A 84 -19.83 4.69 -6.78
C GLN A 84 -19.66 5.66 -5.57
N MET A 85 -20.59 5.57 -4.59
CA MET A 85 -20.62 6.40 -3.28
C MET A 85 -19.19 6.72 -2.74
N ASP A 86 -18.23 5.99 -3.32
CA ASP A 86 -16.79 6.01 -3.06
C ASP A 86 -16.15 7.29 -2.55
N GLY A 87 -14.87 7.15 -2.19
CA GLY A 87 -14.08 8.25 -1.68
C GLY A 87 -14.72 8.75 -0.41
N PHE A 88 -14.24 8.27 0.74
CA PHE A 88 -14.77 8.72 2.05
C PHE A 88 -14.75 10.26 1.96
N HIS A 89 -15.66 10.92 2.63
CA HIS A 89 -15.62 12.34 2.42
C HIS A 89 -15.40 13.32 3.51
N ASP A 90 -14.41 14.14 3.22
CA ASP A 90 -13.93 15.25 4.00
C ASP A 90 -14.69 15.80 5.21
N SER A 91 -15.70 15.09 5.73
CA SER A 91 -16.39 15.57 6.94
C SER A 91 -15.49 15.24 8.10
N ILE A 92 -15.38 16.16 9.04
CA ILE A 92 -14.51 15.95 10.20
C ILE A 92 -15.22 15.96 11.55
N LYS A 93 -14.78 15.11 12.47
CA LYS A 93 -15.38 15.11 13.81
C LYS A 93 -15.08 16.46 14.42
N TYR A 94 -16.12 17.16 14.84
CA TYR A 94 -15.94 18.46 15.40
C TYR A 94 -16.88 18.78 16.55
N PHE A 95 -18.12 18.33 16.46
CA PHE A 95 -19.05 18.65 17.52
C PHE A 95 -18.89 17.68 18.69
N LYS A 96 -18.71 18.21 19.90
CA LYS A 96 -18.56 17.32 21.04
C LYS A 96 -19.90 16.69 21.44
N ASP A 97 -19.85 15.47 21.94
CA ASP A 97 -21.07 14.81 22.41
C ASP A 97 -21.77 15.59 23.54
N GLU A 98 -23.11 15.64 23.49
CA GLU A 98 -23.88 16.28 24.56
C GLU A 98 -24.41 15.11 25.42
N HIS A 99 -24.64 15.35 26.71
CA HIS A 99 -25.14 14.31 27.57
C HIS A 99 -26.50 14.59 28.16
N TYR A 100 -27.41 13.62 28.03
CA TYR A 100 -28.70 13.82 28.61
C TYR A 100 -28.50 13.66 30.14
N SER A 101 -29.34 14.37 30.88
CA SER A 101 -29.38 14.30 32.34
C SER A 101 -30.39 13.13 32.62
N VAL A 102 -29.93 12.09 33.33
CA VAL A 102 -30.73 10.91 33.63
C VAL A 102 -31.25 10.76 35.07
N SER A 103 -32.54 10.43 35.16
CA SER A 103 -33.22 10.11 36.42
C SER A 103 -34.12 8.87 36.16
N CYS A 104 -34.67 8.26 37.19
CA CYS A 104 -35.48 7.04 36.98
C CYS A 104 -36.74 7.05 37.81
N GLN A 105 -37.82 6.60 37.18
CA GLN A 105 -39.15 6.52 37.80
C GLN A 105 -39.67 5.11 37.65
N ASN A 106 -40.15 4.55 38.75
CA ASN A 106 -40.74 3.24 38.67
C ASN A 106 -42.01 3.49 37.79
N GLY A 107 -42.27 2.59 36.84
CA GLY A 107 -43.42 2.74 35.95
C GLY A 107 -44.70 3.02 36.74
N SER A 108 -44.81 2.41 37.94
CA SER A 108 -45.97 2.56 38.82
C SER A 108 -46.21 3.97 39.37
N VAL A 109 -45.20 4.83 39.41
CA VAL A 109 -45.45 6.17 39.94
C VAL A 109 -45.48 7.29 38.91
N LEU A 110 -45.14 6.99 37.65
CA LEU A 110 -45.07 8.01 36.58
C LEU A 110 -46.34 8.80 36.27
N LYS A 111 -47.50 8.16 36.24
CA LYS A 111 -48.74 8.88 35.95
C LYS A 111 -49.01 9.97 36.98
N SER A 112 -48.68 9.70 38.25
CA SER A 112 -48.92 10.69 39.29
C SER A 112 -47.79 11.69 39.37
N LYS A 113 -46.66 11.39 38.75
CA LYS A 113 -45.53 12.33 38.79
C LYS A 113 -45.25 13.09 37.49
N PHE A 114 -45.86 12.68 36.37
CA PHE A 114 -45.54 13.35 35.09
C PHE A 114 -45.73 14.88 34.97
N ALA A 115 -46.87 15.40 35.38
CA ALA A 115 -47.12 16.85 35.33
C ALA A 115 -46.08 17.56 36.21
N LYS A 116 -45.74 16.95 37.34
CA LYS A 116 -44.75 17.57 38.25
C LYS A 116 -43.47 17.63 37.46
N ILE A 117 -43.14 16.53 36.78
CA ILE A 117 -41.91 16.49 35.99
C ILE A 117 -41.88 17.53 34.88
N LEU A 118 -42.94 17.62 34.10
CA LEU A 118 -42.97 18.64 33.07
C LEU A 118 -42.71 20.00 33.71
N LYS A 119 -43.40 20.29 34.83
CA LYS A 119 -43.25 21.59 35.47
C LYS A 119 -41.81 21.88 35.88
N SER A 120 -41.10 20.91 36.42
CA SER A 120 -39.73 21.18 36.80
C SER A 120 -38.92 21.59 35.59
N HIS A 121 -39.45 21.32 34.38
CA HIS A 121 -38.74 21.68 33.15
C HIS A 121 -39.37 22.83 32.40
N ASP A 122 -40.17 23.56 33.15
CA ASP A 122 -40.86 24.74 32.69
C ASP A 122 -42.00 24.48 31.69
N TYR A 123 -42.49 23.23 31.63
CA TYR A 123 -43.63 22.98 30.75
C TYR A 123 -44.84 22.99 31.68
N THR A 124 -45.60 24.09 31.62
CA THR A 124 -46.76 24.24 32.49
C THR A 124 -48.11 24.47 31.83
N ASP A 125 -48.14 24.83 30.56
CA ASP A 125 -49.43 25.06 29.90
C ASP A 125 -50.23 23.78 29.76
N LYS A 126 -51.54 23.90 29.59
CA LYS A 126 -52.35 22.71 29.46
C LYS A 126 -52.03 22.00 28.13
N LYS A 127 -51.75 22.79 27.10
CA LYS A 127 -51.41 22.27 25.78
C LYS A 127 -50.28 21.20 25.86
N SER A 128 -49.17 21.56 26.50
CA SER A 128 -48.02 20.68 26.62
C SER A 128 -48.29 19.45 27.47
N ILE A 129 -49.03 19.67 28.55
CA ILE A 129 -49.31 18.61 29.48
C ILE A 129 -50.27 17.59 28.89
N GLU A 130 -51.19 18.05 28.08
CA GLU A 130 -52.13 17.12 27.50
C GLU A 130 -51.48 16.35 26.36
N ALA A 131 -50.56 17.00 25.66
CA ALA A 131 -49.88 16.37 24.54
C ALA A 131 -49.10 15.15 25.07
N TYR A 132 -48.34 15.40 26.13
CA TYR A 132 -47.57 14.38 26.80
C TYR A 132 -48.42 13.18 27.26
N GLU A 133 -49.52 13.46 27.93
CA GLU A 133 -50.41 12.41 28.44
C GLU A 133 -51.08 11.65 27.30
N LYS A 134 -51.28 12.34 26.18
CA LYS A 134 -51.89 11.69 25.02
C LYS A 134 -50.89 10.91 24.16
N TYR A 135 -49.72 11.49 23.92
CA TYR A 135 -48.79 10.85 23.02
C TYR A 135 -47.61 10.11 23.61
N CYS A 136 -47.21 10.48 24.83
CA CYS A 136 -46.07 9.89 25.49
C CYS A 136 -46.43 8.93 26.64
N LEU A 137 -47.23 9.38 27.60
CA LEU A 137 -47.54 8.55 28.76
C LEU A 137 -47.87 7.11 28.42
N PRO A 138 -48.78 6.89 27.43
CA PRO A 138 -49.20 5.54 26.98
C PRO A 138 -48.04 4.60 26.52
N LYS A 139 -46.93 5.17 26.07
CA LYS A 139 -45.84 4.31 25.61
C LYS A 139 -44.88 4.02 26.76
N LEU A 140 -45.22 4.57 27.94
CA LEU A 140 -44.39 4.44 29.15
C LEU A 140 -45.01 3.66 30.29
N VAL A 141 -46.33 3.56 30.32
CA VAL A 141 -47.06 2.81 31.37
C VAL A 141 -48.25 2.03 30.85
N ASP A 142 -48.53 0.88 31.46
CA ASP A 142 -49.72 0.09 31.12
C ASP A 142 -50.17 -0.44 32.50
N GLU A 143 -51.48 -0.56 32.74
CA GLU A 143 -51.98 -1.02 34.07
C GLU A 143 -51.17 -2.10 34.82
N ARG A 144 -50.18 -2.65 34.13
CA ARG A 144 -49.28 -3.69 34.63
C ARG A 144 -47.84 -3.07 34.65
N ASN A 145 -47.65 -2.04 35.48
CA ASN A 145 -46.39 -1.30 35.62
C ASN A 145 -45.24 -1.96 36.40
N ASP A 146 -44.76 -3.09 35.89
CA ASP A 146 -43.66 -3.81 36.50
C ASP A 146 -42.25 -3.37 35.99
N TYR A 147 -42.23 -2.62 34.89
CA TYR A 147 -40.99 -2.12 34.29
C TYR A 147 -40.70 -0.70 34.82
N TYR A 148 -39.49 -0.21 34.59
CA TYR A 148 -39.16 1.16 35.03
C TYR A 148 -39.13 2.16 33.88
N VAL A 149 -38.81 3.42 34.20
CA VAL A 149 -38.78 4.45 33.17
C VAL A 149 -37.57 5.35 33.30
N ALA A 150 -36.75 5.40 32.25
CA ALA A 150 -35.57 6.26 32.25
C ALA A 150 -36.04 7.62 31.74
N VAL A 151 -35.73 8.69 32.49
CA VAL A 151 -36.17 10.05 32.11
C VAL A 151 -34.90 10.78 31.72
N CYS A 152 -34.79 11.15 30.45
CA CYS A 152 -33.58 11.78 29.94
C CYS A 152 -33.80 13.24 29.55
N VAL A 153 -33.06 14.17 30.15
CA VAL A 153 -33.29 15.59 29.87
C VAL A 153 -32.16 16.17 29.05
N LEU A 154 -32.50 16.91 28.01
CA LEU A 154 -31.49 17.51 27.17
C LEU A 154 -31.64 19.02 27.27
N LYS A 155 -30.66 19.68 27.89
CA LYS A 155 -30.67 21.13 28.02
C LYS A 155 -30.77 21.68 26.60
N PRO A 156 -31.54 22.74 26.38
CA PRO A 156 -31.83 23.46 25.13
C PRO A 156 -30.75 24.15 24.29
N GLY A 157 -29.63 24.54 24.90
CA GLY A 157 -28.61 25.20 24.10
C GLY A 157 -27.73 24.31 23.24
N PHE A 158 -27.89 22.97 23.29
CA PHE A 158 -27.05 22.03 22.53
C PHE A 158 -26.78 22.40 21.08
N GLU A 159 -25.66 21.92 20.56
CA GLU A 159 -25.33 22.22 19.18
C GLU A 159 -25.94 21.18 18.21
N ASN A 160 -26.73 21.71 17.28
CA ASN A 160 -27.40 20.96 16.22
C ASN A 160 -26.68 19.67 15.78
N GLY A 161 -25.48 19.83 15.25
CA GLY A 161 -24.75 18.68 14.77
C GLY A 161 -24.17 17.68 15.76
N SER A 162 -24.42 17.84 17.05
CA SER A 162 -23.94 16.91 18.06
C SER A 162 -24.71 15.59 18.21
N ASN A 163 -24.01 14.54 18.67
CA ASN A 163 -24.66 13.30 19.06
C ASN A 163 -25.07 13.60 20.51
N GLN A 164 -26.28 13.17 20.91
CA GLN A 164 -26.76 13.37 22.27
C GLN A 164 -26.59 11.99 22.86
N VAL A 165 -25.88 11.86 23.98
CA VAL A 165 -25.57 10.53 24.49
C VAL A 165 -25.90 10.31 25.98
N LEU A 166 -25.99 9.05 26.36
CA LEU A 166 -26.27 8.71 27.76
C LEU A 166 -25.92 7.25 27.92
N SER A 167 -25.61 6.87 29.14
CA SER A 167 -25.33 5.50 29.48
C SER A 167 -25.50 5.32 30.98
N PHE A 168 -25.96 4.16 31.41
CA PHE A 168 -26.17 3.95 32.82
C PHE A 168 -26.30 2.46 33.08
N GLU A 169 -26.07 2.05 34.33
CA GLU A 169 -26.25 0.66 34.72
C GLU A 169 -27.57 0.54 35.47
N TYR A 170 -28.24 -0.58 35.28
CA TYR A 170 -29.47 -0.80 35.98
C TYR A 170 -29.53 -2.27 36.44
N ASN A 171 -30.50 -2.55 37.32
CA ASN A 171 -30.73 -3.89 37.88
C ASN A 171 -32.06 -4.44 37.35
N PRO A 172 -31.99 -5.29 36.33
CA PRO A 172 -33.15 -5.91 35.66
C PRO A 172 -34.09 -6.67 36.61
N ILE A 173 -35.37 -6.40 36.51
CA ILE A 173 -36.27 -7.17 37.35
C ILE A 173 -36.55 -8.45 36.52
N GLY A 174 -36.43 -9.61 37.17
CA GLY A 174 -36.71 -10.90 36.53
C GLY A 174 -36.19 -11.39 35.19
N ASN A 175 -34.88 -11.30 34.94
CA ASN A 175 -34.31 -11.78 33.67
C ASN A 175 -34.98 -11.24 32.38
N LYS A 176 -35.31 -9.97 32.41
CA LYS A 176 -35.90 -9.30 31.27
C LYS A 176 -34.97 -8.12 30.90
N VAL A 177 -35.02 -7.75 29.62
CA VAL A 177 -34.33 -6.61 29.04
C VAL A 177 -35.31 -5.98 28.06
N ILE A 178 -35.40 -4.66 28.09
CA ILE A 178 -36.27 -3.96 27.18
C ILE A 178 -35.38 -3.12 26.22
N VAL A 179 -35.45 -3.35 24.91
CA VAL A 179 -34.67 -2.55 23.97
C VAL A 179 -35.69 -1.50 23.60
N PRO A 180 -35.44 -0.26 23.97
CA PRO A 180 -36.38 0.85 23.69
C PRO A 180 -36.53 1.37 22.28
N PHE A 181 -37.20 0.58 21.42
CA PHE A 181 -37.43 1.02 20.05
C PHE A 181 -38.65 1.91 19.90
N ALA A 182 -39.62 1.78 20.80
CA ALA A 182 -40.85 2.58 20.64
C ALA A 182 -40.71 4.10 20.67
N HIS A 183 -41.60 4.75 19.93
CA HIS A 183 -41.61 6.21 19.82
C HIS A 183 -42.86 6.73 20.52
N GLU A 184 -42.91 8.06 20.72
CA GLU A 184 -44.12 8.63 21.26
C GLU A 184 -45.19 8.40 20.12
N ILE A 185 -46.45 8.32 20.49
CA ILE A 185 -47.53 8.12 19.47
C ILE A 185 -47.66 9.36 18.57
N ASN A 186 -48.10 9.18 17.30
CA ASN A 186 -48.36 10.33 16.39
C ASN A 186 -49.76 10.12 15.76
N ASP A 187 -50.32 11.16 15.13
CA ASP A 187 -51.68 11.05 14.61
C ASP A 187 -51.90 10.14 13.43
N THR A 188 -50.91 10.05 12.56
CA THR A 188 -51.03 9.21 11.40
C THR A 188 -51.05 7.70 11.71
N GLY A 189 -50.35 7.26 12.73
CA GLY A 189 -50.28 5.82 13.08
C GLY A 189 -49.16 5.08 12.34
N LEU A 190 -48.33 5.80 11.58
CA LEU A 190 -47.18 5.23 10.88
C LEU A 190 -45.93 5.82 11.51
N TYR A 191 -44.95 4.98 11.76
CA TYR A 191 -43.72 5.43 12.46
C TYR A 191 -42.51 5.15 11.62
N GLU A 192 -41.54 6.06 11.68
CA GLU A 192 -40.29 5.92 10.90
C GLU A 192 -39.24 5.48 11.86
N TYR A 193 -38.43 4.49 11.47
CA TYR A 193 -37.34 4.04 12.32
C TYR A 193 -35.97 4.23 11.69
N ASP A 194 -34.96 4.50 12.52
CA ASP A 194 -33.59 4.65 12.06
C ASP A 194 -32.76 4.41 13.31
N VAL A 195 -32.47 3.14 13.55
CA VAL A 195 -31.79 2.72 14.75
C VAL A 195 -31.08 1.37 14.54
N VAL A 196 -29.97 1.19 15.24
CA VAL A 196 -29.19 -0.06 15.25
C VAL A 196 -29.02 -0.33 16.75
N ALA A 197 -28.98 -1.62 17.11
CA ALA A 197 -28.81 -2.05 18.46
C ALA A 197 -27.97 -3.34 18.54
N TYR A 198 -27.21 -3.41 19.62
CA TYR A 198 -26.35 -4.53 19.94
C TYR A 198 -26.81 -4.91 21.37
N VAL A 199 -27.25 -6.16 21.59
CA VAL A 199 -27.74 -6.58 22.93
C VAL A 199 -27.21 -7.98 23.20
N ASP A 200 -26.47 -8.18 24.30
CA ASP A 200 -25.90 -9.50 24.60
C ASP A 200 -26.57 -10.19 25.76
N SER A 201 -26.21 -11.47 25.95
CA SER A 201 -26.75 -12.32 27.00
C SER A 201 -28.27 -12.39 26.91
N VAL A 202 -28.78 -12.56 25.68
CA VAL A 202 -30.22 -12.65 25.47
C VAL A 202 -30.68 -13.86 24.72
N GLN A 203 -31.87 -14.32 25.06
CA GLN A 203 -32.46 -15.47 24.41
C GLN A 203 -33.14 -15.05 23.10
N PHE A 204 -33.17 -15.97 22.16
CA PHE A 204 -33.81 -15.75 20.87
C PHE A 204 -35.32 -15.77 21.01
N ASP A 205 -35.99 -14.89 20.28
CA ASP A 205 -37.46 -14.89 20.28
C ASP A 205 -37.87 -14.75 18.80
N GLY A 206 -37.85 -15.88 18.11
CA GLY A 206 -38.18 -15.90 16.70
C GLY A 206 -39.53 -15.29 16.40
N GLU A 207 -40.53 -15.63 17.18
CA GLU A 207 -41.82 -15.08 16.89
C GLU A 207 -41.92 -13.55 17.05
N GLN A 208 -41.29 -12.98 18.09
CA GLN A 208 -41.38 -11.54 18.31
C GLN A 208 -40.63 -10.85 17.18
N PHE A 209 -39.55 -11.45 16.72
CA PHE A 209 -38.75 -10.86 15.68
C PHE A 209 -39.53 -10.94 14.32
N GLU A 210 -40.22 -12.05 14.07
CA GLU A 210 -40.99 -12.21 12.81
C GLU A 210 -42.03 -11.14 12.72
N GLU A 211 -42.77 -10.99 13.81
CA GLU A 211 -43.80 -9.95 13.84
C GLU A 211 -43.21 -8.55 13.54
N PHE A 212 -42.05 -8.24 14.12
CA PHE A 212 -41.48 -6.90 13.91
C PHE A 212 -41.06 -6.74 12.42
N VAL A 213 -40.32 -7.73 11.89
CA VAL A 213 -39.83 -7.67 10.52
C VAL A 213 -40.93 -7.67 9.43
N GLN A 214 -41.99 -8.47 9.64
CA GLN A 214 -43.12 -8.53 8.68
C GLN A 214 -43.80 -7.16 8.55
N SER A 215 -43.80 -6.40 9.65
CA SER A 215 -44.45 -5.07 9.68
C SER A 215 -43.62 -3.96 8.98
N LEU A 216 -42.35 -4.25 8.71
CA LEU A 216 -41.46 -3.22 8.13
C LEU A 216 -41.66 -2.92 6.68
N ILE A 217 -41.59 -1.64 6.31
CA ILE A 217 -41.72 -1.20 4.95
C ILE A 217 -40.30 -0.69 4.58
N LEU A 218 -39.62 -1.27 3.58
CA LEU A 218 -38.28 -0.78 3.20
C LEU A 218 -38.21 0.40 2.23
N PRO A 219 -37.02 1.06 2.13
CA PRO A 219 -36.77 2.19 1.22
C PRO A 219 -36.79 1.61 -0.20
N SER A 220 -37.23 2.40 -1.19
CA SER A 220 -37.24 1.95 -2.61
C SER A 220 -35.97 2.37 -3.34
N SER A 221 -35.48 1.53 -4.26
CA SER A 221 -34.26 1.86 -5.01
C SER A 221 -34.72 2.48 -6.31
N PHE A 222 -36.03 2.54 -6.48
CA PHE A 222 -36.65 3.12 -7.67
C PHE A 222 -36.35 2.44 -9.01
N LYS A 223 -35.78 1.23 -8.96
CA LYS A 223 -35.50 0.47 -10.18
C LYS A 223 -36.86 -0.11 -10.55
N ASN A 224 -37.05 -0.40 -11.83
CA ASN A 224 -38.31 -0.93 -12.32
C ASN A 224 -38.84 -2.18 -11.61
N SER A 225 -38.04 -3.24 -11.69
CA SER A 225 -38.39 -4.53 -11.15
C SER A 225 -38.05 -4.85 -9.70
N GLU A 226 -37.85 -3.85 -8.85
CA GLU A 226 -37.52 -4.20 -7.46
C GLU A 226 -38.64 -4.93 -6.73
N LYS A 227 -38.23 -5.87 -5.90
CA LYS A 227 -39.16 -6.65 -5.09
C LYS A 227 -38.59 -6.73 -3.66
N VAL A 228 -39.45 -6.77 -2.68
CA VAL A 228 -39.00 -6.90 -1.31
C VAL A 228 -39.15 -8.36 -0.91
N LEU A 229 -38.08 -8.97 -0.42
CA LEU A 229 -38.15 -10.35 0.02
C LEU A 229 -38.02 -10.46 1.53
N TYR A 230 -38.74 -11.45 2.08
CA TYR A 230 -38.76 -11.71 3.51
C TYR A 230 -38.00 -12.99 3.83
N TYR A 231 -37.05 -12.88 4.76
CA TYR A 231 -36.23 -14.01 5.19
C TYR A 231 -36.39 -14.47 6.62
N ASN A 232 -36.44 -15.79 6.79
CA ASN A 232 -36.50 -16.39 8.12
C ASN A 232 -35.56 -17.59 7.96
N GLU A 233 -34.26 -17.28 8.04
CA GLU A 233 -33.18 -18.22 7.86
C GLU A 233 -32.33 -18.54 9.09
N ALA A 234 -31.62 -19.66 9.00
CA ALA A 234 -30.74 -20.11 10.05
C ALA A 234 -29.50 -20.71 9.42
N SER A 235 -28.33 -20.22 9.82
CA SER A 235 -27.07 -20.82 9.35
C SER A 235 -26.56 -21.55 10.60
N LYS A 236 -25.30 -22.00 10.56
CA LYS A 236 -24.68 -22.75 11.67
C LYS A 236 -24.99 -22.18 13.06
N ASN A 237 -24.50 -20.99 13.34
CA ASN A 237 -24.72 -20.40 14.63
C ASN A 237 -25.60 -19.16 14.63
N LYS A 238 -26.06 -18.73 13.46
CA LYS A 238 -26.90 -17.54 13.42
C LYS A 238 -28.34 -17.77 12.95
N SER A 239 -29.25 -16.92 13.44
CA SER A 239 -30.64 -16.90 13.03
C SER A 239 -30.81 -15.49 12.44
N MET A 240 -31.38 -15.42 11.24
CA MET A 240 -31.55 -14.16 10.56
C MET A 240 -33.00 -14.01 10.12
N ILE A 241 -33.62 -12.94 10.60
CA ILE A 241 -35.00 -12.65 10.28
C ILE A 241 -34.96 -11.20 9.76
N TYR A 242 -35.11 -11.02 8.45
CA TYR A 242 -34.99 -9.71 7.85
C TYR A 242 -35.70 -9.56 6.50
N LYS A 243 -35.73 -8.33 6.01
CA LYS A 243 -36.27 -8.07 4.70
C LYS A 243 -35.11 -7.48 3.91
N ALA A 244 -35.16 -7.64 2.58
CA ALA A 244 -34.12 -7.12 1.72
C ALA A 244 -34.77 -6.63 0.46
N LEU A 245 -34.15 -5.64 -0.17
CA LEU A 245 -34.64 -5.08 -1.40
C LEU A 245 -33.79 -5.78 -2.45
N GLU A 246 -34.46 -6.34 -3.45
CA GLU A 246 -33.75 -7.07 -4.48
C GLU A 246 -34.22 -6.73 -5.88
N PHE A 247 -33.29 -6.80 -6.81
CA PHE A 247 -33.60 -6.52 -8.18
C PHE A 247 -32.48 -7.04 -9.05
N THR A 248 -32.65 -6.88 -10.36
CA THR A 248 -31.67 -7.34 -11.34
C THR A 248 -31.19 -6.30 -12.38
N THR A 249 -29.92 -6.42 -12.78
CA THR A 249 -29.33 -5.56 -13.83
C THR A 249 -28.41 -6.43 -14.71
N GLU A 250 -28.43 -6.16 -16.02
CA GLU A 250 -27.64 -6.90 -17.02
C GLU A 250 -26.14 -6.74 -16.87
N SER A 251 -25.42 -7.85 -17.11
CA SER A 251 -23.95 -7.94 -17.01
C SER A 251 -23.14 -7.02 -17.94
N SER A 252 -22.30 -6.20 -17.30
CA SER A 252 -21.41 -5.27 -17.99
C SER A 252 -20.13 -6.07 -18.35
N TRP A 253 -19.84 -7.10 -17.54
CA TRP A 253 -18.65 -7.96 -17.71
C TRP A 253 -18.90 -9.33 -18.39
N GLY A 254 -20.16 -9.74 -18.47
CA GLY A 254 -20.50 -11.00 -19.12
C GLY A 254 -21.51 -10.60 -20.19
N LYS A 255 -22.41 -11.50 -20.56
CA LYS A 255 -23.42 -11.17 -21.56
C LYS A 255 -24.82 -11.09 -20.89
N SER A 256 -25.48 -12.26 -20.78
CA SER A 256 -26.79 -12.34 -20.15
C SER A 256 -26.60 -12.82 -18.70
N GLU A 257 -25.35 -12.77 -18.22
CA GLU A 257 -24.97 -13.18 -16.86
C GLU A 257 -25.27 -12.05 -15.85
N LYS A 258 -26.55 -11.88 -15.54
CA LYS A 258 -27.04 -10.85 -14.64
C LYS A 258 -26.54 -10.81 -13.19
N TYR A 259 -26.66 -9.61 -12.62
CA TYR A 259 -26.29 -9.32 -11.23
C TYR A 259 -27.54 -9.32 -10.34
N ASN A 260 -27.53 -10.13 -9.28
CA ASN A 260 -28.67 -10.17 -8.37
C ASN A 260 -28.40 -9.35 -7.10
N TRP A 261 -28.82 -8.09 -7.15
CA TRP A 261 -28.60 -7.22 -6.02
C TRP A 261 -29.44 -7.61 -4.81
N LYS A 262 -28.87 -7.43 -3.63
CA LYS A 262 -29.60 -7.67 -2.41
C LYS A 262 -29.11 -6.60 -1.46
N ILE A 263 -29.92 -5.55 -1.31
CA ILE A 263 -29.58 -4.42 -0.44
C ILE A 263 -30.67 -4.05 0.59
N PHE A 264 -30.38 -3.02 1.37
CA PHE A 264 -31.22 -2.50 2.46
C PHE A 264 -31.81 -3.56 3.32
N CYS A 265 -30.96 -4.48 3.78
CA CYS A 265 -31.44 -5.51 4.66
C CYS A 265 -31.61 -4.93 6.07
N ASN A 266 -32.83 -5.10 6.59
CA ASN A 266 -33.22 -4.62 7.91
C ASN A 266 -33.88 -5.77 8.70
N GLY A 267 -33.58 -5.81 9.98
CA GLY A 267 -34.13 -6.87 10.80
C GLY A 267 -33.31 -7.23 12.01
N PHE A 268 -33.28 -8.52 12.29
CA PHE A 268 -32.63 -9.10 13.45
C PHE A 268 -31.69 -10.24 13.06
N ILE A 269 -30.47 -10.18 13.56
CA ILE A 269 -29.48 -11.23 13.33
C ILE A 269 -29.11 -11.70 14.72
N TYR A 270 -29.30 -12.99 14.98
CA TYR A 270 -29.01 -13.51 16.29
C TYR A 270 -27.87 -14.53 16.24
N ASP A 271 -26.86 -14.30 17.07
CA ASP A 271 -25.73 -15.22 17.11
C ASP A 271 -25.99 -16.22 18.21
N LYS A 272 -26.41 -17.42 17.81
CA LYS A 272 -26.72 -18.53 18.71
C LYS A 272 -25.52 -18.93 19.57
N LYS A 273 -24.31 -18.67 19.11
CA LYS A 273 -23.15 -19.09 19.89
C LYS A 273 -22.72 -18.05 20.95
N SER A 274 -22.69 -16.78 20.58
CA SER A 274 -22.33 -15.71 21.50
C SER A 274 -23.52 -15.20 22.37
N LYS A 275 -24.74 -15.50 21.95
CA LYS A 275 -25.93 -15.02 22.66
C LYS A 275 -26.10 -13.50 22.42
N VAL A 276 -25.65 -13.05 21.26
CA VAL A 276 -25.73 -11.64 20.90
C VAL A 276 -26.74 -11.40 19.79
N LEU A 277 -27.50 -10.32 19.99
CA LEU A 277 -28.52 -9.89 19.08
C LEU A 277 -28.10 -8.59 18.35
N TYR A 278 -28.20 -8.56 17.04
CA TYR A 278 -27.88 -7.35 16.30
C TYR A 278 -29.18 -6.91 15.65
N VAL A 279 -29.48 -5.63 15.74
CA VAL A 279 -30.69 -5.15 15.13
C VAL A 279 -30.41 -3.93 14.27
N LYS A 280 -31.03 -3.87 13.09
CA LYS A 280 -30.91 -2.71 12.24
C LYS A 280 -32.26 -2.38 11.60
N LEU A 281 -32.80 -1.20 11.91
CA LEU A 281 -34.05 -0.72 11.41
C LEU A 281 -33.72 0.68 10.86
N HIS A 282 -33.02 0.69 9.73
CA HIS A 282 -32.52 1.90 9.11
C HIS A 282 -33.37 2.48 8.03
N ASN A 283 -34.02 3.60 8.35
CA ASN A 283 -34.89 4.25 7.41
C ASN A 283 -36.07 3.36 6.95
N VAL A 284 -36.67 2.62 7.88
CA VAL A 284 -37.79 1.77 7.48
C VAL A 284 -38.97 2.37 8.17
N THR A 285 -40.17 2.10 7.65
CA THR A 285 -41.38 2.60 8.29
C THR A 285 -42.27 1.41 8.70
N SER A 286 -43.12 1.61 9.67
CA SER A 286 -44.00 0.54 10.16
C SER A 286 -45.12 1.11 10.97
N ALA A 287 -46.17 0.32 11.09
CA ALA A 287 -47.36 0.65 11.85
C ALA A 287 -47.18 0.12 13.29
N LEU A 288 -46.27 -0.85 13.47
CA LEU A 288 -45.98 -1.37 14.81
C LEU A 288 -45.05 -0.33 15.48
N ASN A 289 -45.44 0.16 16.63
CA ASN A 289 -44.64 1.11 17.40
C ASN A 289 -44.44 0.49 18.75
N LYS A 290 -43.44 -0.38 18.87
CA LYS A 290 -43.22 -1.04 20.14
C LYS A 290 -41.76 -1.37 20.54
N ASN A 291 -41.54 -1.67 21.82
CA ASN A 291 -40.20 -2.07 22.27
C ASN A 291 -40.05 -3.59 22.01
N VAL A 292 -38.82 -4.08 22.08
CA VAL A 292 -38.57 -5.50 21.92
C VAL A 292 -38.24 -5.88 23.36
N ILE A 293 -38.88 -6.93 23.87
CA ILE A 293 -38.66 -7.34 25.27
C ILE A 293 -38.18 -8.78 25.25
N LEU A 294 -36.99 -9.03 25.81
CA LEU A 294 -36.41 -10.40 25.82
C LEU A 294 -36.07 -10.92 27.20
N ASN A 295 -35.76 -12.21 27.27
CA ASN A 295 -35.30 -12.85 28.51
C ASN A 295 -33.78 -12.88 28.42
N THR A 296 -33.12 -12.61 29.56
CA THR A 296 -31.67 -12.64 29.63
C THR A 296 -31.27 -14.10 29.86
N ILE A 297 -29.97 -14.39 29.74
CA ILE A 297 -29.48 -15.74 30.00
C ILE A 297 -29.53 -15.90 31.55
N LYS A 298 -29.93 -17.07 32.05
CA LYS A 298 -30.07 -17.29 33.51
C LYS A 298 -28.85 -17.53 34.46
N ALA A 299 -27.94 -18.45 34.11
CA ALA A 299 -26.81 -18.76 35.00
C ALA A 299 -25.70 -17.71 34.99
N CYS B 1 27.40 -11.48 -20.35
CA CYS B 1 26.97 -12.13 -19.06
C CYS B 1 27.41 -11.32 -17.85
N VAL B 2 26.75 -11.54 -16.69
CA VAL B 2 26.93 -10.76 -15.47
C VAL B 2 28.18 -11.01 -14.70
N ILE B 3 29.19 -10.19 -14.96
CA ILE B 3 30.48 -10.37 -14.34
C ILE B 3 30.87 -9.40 -13.22
N PHE B 4 31.49 -9.96 -12.19
CA PHE B 4 31.93 -9.20 -11.04
C PHE B 4 33.30 -9.76 -10.73
N PRO B 5 34.30 -8.90 -10.45
CA PRO B 5 34.41 -7.43 -10.40
C PRO B 5 33.76 -6.76 -11.61
N VAL B 6 33.05 -5.68 -11.36
CA VAL B 6 32.34 -4.97 -12.40
C VAL B 6 33.10 -4.52 -13.62
N GLU B 7 34.37 -4.18 -13.51
CA GLU B 7 34.96 -3.77 -14.76
C GLU B 7 35.93 -4.69 -15.40
N ILE B 8 35.57 -5.97 -15.34
CA ILE B 8 36.35 -6.97 -16.00
C ILE B 8 36.01 -6.64 -17.44
N ASP B 9 36.92 -6.94 -18.34
CA ASP B 9 36.75 -6.67 -19.76
C ASP B 9 36.76 -8.05 -20.42
N VAL B 10 35.68 -8.40 -21.11
CA VAL B 10 35.61 -9.71 -21.74
C VAL B 10 35.62 -9.59 -23.24
N SER B 11 36.31 -10.52 -23.92
CA SER B 11 36.34 -10.54 -25.40
C SER B 11 35.16 -11.42 -25.96
N GLN B 12 35.18 -11.86 -27.21
CA GLN B 12 34.03 -12.61 -27.73
C GLN B 12 33.45 -13.80 -26.93
N THR B 13 32.11 -13.77 -26.77
CA THR B 13 31.34 -14.80 -26.09
C THR B 13 30.73 -15.72 -27.15
N ILE B 14 30.85 -17.03 -26.92
CA ILE B 14 30.34 -18.04 -27.83
C ILE B 14 29.38 -18.84 -26.99
N ILE B 15 28.16 -19.03 -27.50
CA ILE B 15 27.11 -19.76 -26.76
C ILE B 15 26.35 -20.82 -27.58
N ARG B 16 26.18 -21.99 -27.03
CA ARG B 16 25.34 -22.97 -27.73
C ARG B 16 24.35 -23.56 -26.70
N ASP B 17 23.08 -23.65 -27.06
CA ASP B 17 22.13 -24.19 -26.10
C ASP B 17 21.23 -25.10 -26.86
N CYS B 18 21.37 -26.39 -26.60
CA CYS B 18 20.61 -27.40 -27.32
C CYS B 18 19.65 -28.22 -26.47
N GLN B 19 18.59 -28.74 -27.12
CA GLN B 19 17.63 -29.59 -26.43
C GLN B 19 18.35 -30.95 -26.34
N VAL B 20 18.41 -31.53 -25.14
CA VAL B 20 19.06 -32.87 -24.93
C VAL B 20 18.00 -33.98 -24.93
N ASP B 21 16.96 -33.84 -24.11
CA ASP B 21 15.82 -34.73 -24.19
C ASP B 21 14.65 -33.88 -23.75
N LYS B 22 13.48 -34.51 -23.63
CA LYS B 22 12.24 -33.86 -23.22
C LYS B 22 12.37 -32.90 -22.03
N GLN B 23 13.21 -33.22 -21.04
CA GLN B 23 13.34 -32.38 -19.85
C GLN B 23 14.72 -31.77 -19.64
N THR B 24 15.60 -31.95 -20.61
CA THR B 24 16.98 -31.49 -20.44
C THR B 24 17.53 -30.69 -21.63
N ARG B 25 18.21 -29.62 -21.32
CA ARG B 25 18.86 -28.81 -22.38
C ARG B 25 20.30 -28.71 -21.95
N GLU B 26 21.19 -28.44 -22.90
CA GLU B 26 22.62 -28.27 -22.57
C GLU B 26 23.07 -26.92 -23.06
N LEU B 27 23.76 -26.21 -22.17
CA LEU B 27 24.35 -24.90 -22.44
C LEU B 27 25.89 -24.99 -22.49
N VAL B 28 26.46 -24.45 -23.57
CA VAL B 28 27.87 -24.40 -23.76
C VAL B 28 28.07 -22.87 -23.82
N TYR B 29 28.97 -22.35 -22.99
CA TYR B 29 29.23 -20.94 -22.91
C TYR B 29 30.73 -20.82 -22.89
N ILE B 30 31.27 -20.01 -23.80
CA ILE B 30 32.71 -19.78 -23.92
C ILE B 30 33.03 -18.28 -24.02
N ASN B 31 34.04 -17.82 -23.27
CA ASN B 31 34.48 -16.43 -23.45
C ASN B 31 36.00 -16.32 -23.14
N LYS B 32 36.51 -15.12 -22.96
CA LYS B 32 37.94 -14.96 -22.63
C LYS B 32 38.08 -13.63 -21.87
N ILE B 33 38.71 -13.70 -20.72
CA ILE B 33 38.90 -12.53 -19.87
C ILE B 33 40.23 -11.89 -20.24
N MET B 34 40.18 -10.58 -20.49
CA MET B 34 41.36 -9.77 -20.88
C MET B 34 42.14 -9.31 -19.64
N ASN B 35 41.38 -8.88 -18.64
CA ASN B 35 41.86 -8.39 -17.34
C ASN B 35 42.93 -9.22 -16.70
N THR B 36 44.13 -8.79 -16.97
CA THR B 36 45.30 -9.45 -16.49
C THR B 36 45.23 -9.95 -15.01
N GLN B 37 46.08 -9.32 -14.20
CA GLN B 37 46.34 -9.50 -12.76
C GLN B 37 45.23 -9.61 -11.71
N LEU B 38 44.65 -10.77 -11.46
CA LEU B 38 43.61 -10.78 -10.43
C LEU B 38 44.02 -11.59 -9.22
N THR B 39 43.77 -11.05 -8.04
CA THR B 39 44.14 -11.71 -6.80
C THR B 39 43.01 -12.60 -6.31
N LYS B 40 41.80 -12.18 -6.63
CA LYS B 40 40.57 -12.85 -6.25
C LYS B 40 39.82 -13.45 -7.47
N PRO B 41 38.94 -14.44 -7.23
CA PRO B 41 38.21 -15.07 -8.33
C PRO B 41 37.37 -14.13 -9.16
N VAL B 42 37.10 -14.55 -10.40
CA VAL B 42 36.21 -13.77 -11.22
C VAL B 42 34.89 -14.51 -11.02
N LEU B 43 33.81 -13.77 -10.76
CA LEU B 43 32.53 -14.42 -10.56
C LEU B 43 31.55 -14.06 -11.70
N MET B 44 31.33 -15.01 -12.63
CA MET B 44 30.37 -14.75 -13.72
C MET B 44 29.07 -15.47 -13.43
N MET B 45 27.96 -14.73 -13.43
CA MET B 45 26.67 -15.36 -13.18
C MET B 45 25.62 -15.05 -14.28
N PHE B 46 24.58 -15.87 -14.34
CA PHE B 46 23.50 -15.66 -15.28
C PHE B 46 22.30 -16.59 -15.03
N ASN B 47 21.11 -16.10 -15.37
CA ASN B 47 19.88 -16.88 -15.23
C ASN B 47 19.78 -17.95 -16.30
N ILE B 48 19.25 -19.09 -15.90
CA ILE B 48 18.99 -20.21 -16.76
C ILE B 48 17.53 -20.56 -16.44
N SER B 49 16.86 -21.30 -17.32
CA SER B 49 15.45 -21.55 -17.05
C SER B 49 15.13 -22.75 -16.14
N GLY B 50 16.13 -23.46 -15.66
CA GLY B 50 15.88 -24.62 -14.80
C GLY B 50 17.08 -24.87 -13.93
N PRO B 51 17.07 -25.82 -12.97
CA PRO B 51 18.29 -26.00 -12.16
C PRO B 51 19.26 -26.85 -12.94
N ILE B 52 20.55 -26.66 -12.65
CA ILE B 52 21.56 -27.47 -13.29
C ILE B 52 21.47 -28.93 -12.77
N ARG B 53 21.55 -29.86 -13.69
CA ARG B 53 21.50 -31.30 -13.45
C ARG B 53 22.90 -31.84 -13.33
N SER B 54 23.74 -31.57 -14.32
CA SER B 54 25.15 -31.98 -14.28
C SER B 54 26.07 -31.13 -15.10
N VAL B 55 27.21 -30.81 -14.52
CA VAL B 55 28.28 -30.04 -15.15
C VAL B 55 29.02 -31.06 -16.01
N THR B 56 29.23 -30.75 -17.29
CA THR B 56 29.88 -31.66 -18.22
C THR B 56 31.14 -31.02 -18.85
N ARG B 57 31.74 -31.74 -19.80
CA ARG B 57 32.90 -31.29 -20.59
C ARG B 57 32.61 -31.54 -22.08
N LYS B 58 33.19 -30.72 -22.98
CA LYS B 58 32.93 -30.86 -24.42
C LYS B 58 34.24 -30.85 -25.21
N ASN B 59 34.22 -31.33 -26.46
CA ASN B 59 35.46 -31.37 -27.25
C ASN B 59 36.15 -30.00 -27.38
N ASN B 60 37.47 -30.03 -27.55
CA ASN B 60 38.26 -28.79 -27.62
C ASN B 60 38.09 -27.88 -28.84
N ASN B 61 37.15 -28.20 -29.72
CA ASN B 61 36.92 -27.31 -30.86
C ASN B 61 35.43 -27.03 -31.06
N LEU B 62 34.65 -26.99 -29.98
CA LEU B 62 33.23 -26.70 -30.13
C LEU B 62 33.10 -25.19 -30.44
N ARG B 63 33.95 -24.38 -29.83
CA ARG B 63 34.06 -22.93 -30.06
C ARG B 63 34.16 -22.55 -31.56
N ASP B 64 34.99 -23.26 -32.34
CA ASP B 64 35.12 -22.92 -33.76
C ASP B 64 33.92 -23.41 -34.55
N ARG B 65 33.37 -24.55 -34.16
CA ARG B 65 32.20 -25.11 -34.85
C ARG B 65 30.97 -24.19 -34.70
N ILE B 66 30.76 -23.67 -33.50
CA ILE B 66 29.62 -22.78 -33.22
C ILE B 66 29.83 -21.52 -34.00
N LYS B 67 30.92 -20.83 -33.71
CA LYS B 67 31.23 -19.57 -34.38
C LYS B 67 31.09 -19.73 -35.90
N SER B 68 31.66 -20.80 -36.42
CA SER B 68 31.59 -21.07 -37.85
C SER B 68 30.16 -21.29 -38.38
N LYS B 69 29.33 -22.05 -37.64
CA LYS B 69 27.96 -22.28 -38.08
C LYS B 69 27.19 -20.93 -38.08
N VAL B 70 27.47 -20.03 -37.13
CA VAL B 70 26.76 -18.72 -37.08
C VAL B 70 27.22 -17.76 -38.23
N ASP B 71 28.54 -17.62 -38.35
CA ASP B 71 29.12 -16.78 -39.39
C ASP B 71 28.61 -17.22 -40.81
N GLU B 72 28.49 -18.52 -41.02
CA GLU B 72 27.99 -19.01 -42.29
C GLU B 72 26.63 -18.41 -42.59
N GLN B 73 25.78 -18.36 -41.56
CA GLN B 73 24.48 -17.82 -41.82
C GLN B 73 24.55 -16.30 -42.08
N PHE B 74 25.32 -15.55 -41.28
CA PHE B 74 25.33 -14.11 -41.48
C PHE B 74 26.17 -13.64 -42.67
N ASP B 75 27.19 -14.40 -43.09
CA ASP B 75 28.02 -13.96 -44.21
C ASP B 75 27.19 -13.93 -45.49
N GLN B 76 26.19 -14.80 -45.56
CA GLN B 76 25.30 -14.85 -46.71
C GLN B 76 24.59 -13.48 -46.95
N LEU B 77 24.28 -12.75 -45.88
CA LEU B 77 23.58 -11.45 -46.00
C LEU B 77 24.49 -10.34 -46.50
N GLU B 78 25.79 -10.53 -46.36
CA GLU B 78 26.72 -9.51 -46.73
C GLU B 78 27.35 -9.41 -48.14
N ARG B 79 27.73 -8.17 -48.48
CA ARG B 79 28.44 -7.92 -49.72
C ARG B 79 29.74 -7.18 -49.24
N ASP B 80 30.79 -7.98 -49.07
CA ASP B 80 32.06 -7.46 -48.63
C ASP B 80 32.99 -7.54 -49.80
N TYR B 81 33.44 -6.40 -50.29
CA TYR B 81 34.31 -6.35 -51.44
C TYR B 81 35.81 -6.24 -51.13
N SER B 82 36.18 -6.57 -49.91
CA SER B 82 37.59 -6.60 -49.50
C SER B 82 38.29 -7.74 -50.34
N ASP B 83 39.57 -7.59 -50.65
CA ASP B 83 40.33 -8.65 -51.35
C ASP B 83 40.84 -9.64 -50.28
N GLN B 84 40.79 -10.92 -50.58
CA GLN B 84 41.22 -12.00 -49.65
C GLN B 84 42.70 -12.38 -49.86
N MET B 85 43.37 -12.88 -48.82
CA MET B 85 44.80 -13.21 -48.94
C MET B 85 45.09 -14.61 -49.48
N ASP B 86 45.87 -14.67 -50.59
CA ASP B 86 46.24 -15.94 -51.26
C ASP B 86 46.95 -16.92 -50.35
N GLY B 87 47.00 -16.58 -49.07
CA GLY B 87 47.63 -17.47 -48.11
C GLY B 87 46.64 -17.96 -47.10
N PHE B 88 47.09 -18.98 -46.37
CA PHE B 88 46.34 -19.59 -45.28
C PHE B 88 47.05 -19.01 -44.04
N HIS B 89 46.33 -18.15 -43.29
CA HIS B 89 46.87 -17.50 -42.08
C HIS B 89 46.87 -18.36 -40.82
N ASP B 90 47.44 -17.79 -39.76
CA ASP B 90 47.56 -18.41 -38.43
C ASP B 90 46.21 -18.86 -37.87
N SER B 91 46.11 -20.16 -37.61
CA SER B 91 44.90 -20.73 -37.05
C SER B 91 45.30 -21.73 -35.94
N ILE B 92 46.20 -21.27 -35.05
CA ILE B 92 46.67 -22.08 -33.94
C ILE B 92 46.33 -21.54 -32.56
N LYS B 93 46.25 -22.44 -31.59
CA LYS B 93 45.91 -22.12 -30.21
C LYS B 93 47.20 -22.23 -29.40
N TYR B 94 47.53 -21.18 -28.65
CA TYR B 94 48.75 -21.16 -27.87
C TYR B 94 48.66 -21.72 -26.45
N PHE B 95 47.44 -21.78 -25.93
CA PHE B 95 47.17 -22.32 -24.59
C PHE B 95 45.88 -23.14 -24.62
N LYS B 96 45.87 -24.27 -23.93
CA LYS B 96 44.67 -25.10 -23.92
C LYS B 96 43.59 -24.38 -23.11
N ASP B 97 42.33 -24.62 -23.43
CA ASP B 97 41.22 -23.98 -22.71
C ASP B 97 41.22 -24.29 -21.20
N GLU B 98 40.78 -23.32 -20.39
CA GLU B 98 40.62 -23.44 -18.93
C GLU B 98 39.09 -23.65 -18.73
N HIS B 99 38.68 -24.08 -17.53
CA HIS B 99 37.26 -24.27 -17.26
C HIS B 99 36.71 -23.51 -16.07
N TYR B 100 35.52 -22.92 -16.23
CA TYR B 100 34.95 -22.25 -15.08
C TYR B 100 34.55 -23.36 -14.10
N SER B 101 34.47 -23.04 -12.82
CA SER B 101 33.98 -24.04 -11.86
C SER B 101 32.52 -23.61 -11.73
N VAL B 102 31.59 -24.49 -12.07
CA VAL B 102 30.18 -24.10 -12.10
C VAL B 102 29.30 -24.66 -11.02
N SER B 103 28.40 -23.82 -10.49
CA SER B 103 27.46 -24.28 -9.47
C SER B 103 26.11 -23.62 -9.80
N CYS B 104 25.07 -23.99 -9.07
CA CYS B 104 23.74 -23.46 -9.32
C CYS B 104 23.13 -22.94 -8.03
N GLN B 105 22.43 -21.81 -8.08
CA GLN B 105 21.78 -21.26 -6.87
C GLN B 105 20.39 -20.81 -7.28
N ASN B 106 19.37 -20.91 -6.43
CA ASN B 106 18.08 -20.37 -6.90
C ASN B 106 18.00 -18.86 -6.62
N GLY B 107 17.17 -18.17 -7.38
CA GLY B 107 17.07 -16.73 -7.21
C GLY B 107 16.93 -16.33 -5.77
N SER B 108 15.98 -16.96 -5.08
CA SER B 108 15.70 -16.68 -3.68
C SER B 108 16.95 -16.57 -2.82
N VAL B 109 17.73 -17.65 -2.74
CA VAL B 109 18.93 -17.65 -1.95
C VAL B 109 19.91 -16.53 -2.31
N LEU B 110 20.20 -16.41 -3.60
CA LEU B 110 21.15 -15.42 -4.07
C LEU B 110 20.86 -14.07 -3.46
N LYS B 111 19.59 -13.68 -3.60
CA LYS B 111 19.07 -12.41 -3.13
C LYS B 111 19.30 -12.15 -1.65
N SER B 112 19.34 -13.22 -0.85
CA SER B 112 19.56 -13.05 0.60
C SER B 112 21.00 -13.34 0.98
N LYS B 113 21.58 -14.40 0.41
CA LYS B 113 22.94 -14.80 0.71
C LYS B 113 24.05 -14.36 -0.27
N PHE B 114 23.94 -13.18 -0.88
CA PHE B 114 25.01 -12.83 -1.81
C PHE B 114 26.29 -12.34 -1.11
N ALA B 115 26.12 -11.65 0.02
CA ALA B 115 27.25 -11.16 0.84
C ALA B 115 28.03 -12.38 1.32
N LYS B 116 27.30 -13.41 1.75
CA LYS B 116 27.89 -14.67 2.18
C LYS B 116 28.67 -15.30 1.02
N ILE B 117 28.02 -15.43 -0.14
CA ILE B 117 28.66 -16.01 -1.31
C ILE B 117 29.92 -15.29 -1.74
N LEU B 118 29.87 -13.95 -1.79
CA LEU B 118 31.03 -13.12 -2.12
C LEU B 118 32.17 -13.33 -1.14
N LYS B 119 31.85 -13.32 0.16
CA LYS B 119 32.89 -13.52 1.16
C LYS B 119 33.52 -14.92 1.04
N SER B 120 32.74 -15.90 0.62
CA SER B 120 33.30 -17.25 0.45
C SER B 120 34.31 -17.25 -0.71
N HIS B 121 34.33 -16.17 -1.49
CA HIS B 121 35.28 -16.05 -2.60
C HIS B 121 36.19 -14.85 -2.34
N ASP B 122 36.34 -14.51 -1.05
CA ASP B 122 37.22 -13.42 -0.63
C ASP B 122 36.83 -11.99 -0.89
N TYR B 123 35.58 -11.74 -1.22
CA TYR B 123 35.25 -10.34 -1.38
C TYR B 123 34.50 -10.08 -0.10
N THR B 124 35.13 -9.30 0.78
CA THR B 124 34.54 -9.00 2.07
C THR B 124 34.32 -7.51 2.32
N ASP B 125 34.99 -6.68 1.55
CA ASP B 125 34.88 -5.24 1.74
C ASP B 125 33.59 -4.57 1.29
N LYS B 126 33.30 -3.44 1.93
CA LYS B 126 32.10 -2.69 1.62
C LYS B 126 31.97 -2.40 0.14
N LYS B 127 32.94 -1.71 -0.44
CA LYS B 127 32.89 -1.32 -1.85
C LYS B 127 32.48 -2.49 -2.79
N SER B 128 33.22 -3.60 -2.72
CA SER B 128 32.93 -4.79 -3.51
C SER B 128 31.49 -5.25 -3.40
N ILE B 129 31.07 -5.57 -2.19
CA ILE B 129 29.72 -6.06 -1.95
C ILE B 129 28.61 -5.10 -2.36
N GLU B 130 28.77 -3.81 -2.10
CA GLU B 130 27.72 -2.88 -2.52
C GLU B 130 27.62 -2.80 -4.08
N ALA B 131 28.76 -2.87 -4.75
CA ALA B 131 28.80 -2.79 -6.22
C ALA B 131 28.11 -4.00 -6.85
N TYR B 132 28.38 -5.18 -6.29
CA TYR B 132 27.77 -6.40 -6.76
C TYR B 132 26.30 -6.20 -6.64
N GLU B 133 25.89 -5.68 -5.49
CA GLU B 133 24.48 -5.48 -5.22
C GLU B 133 23.82 -4.41 -6.06
N LYS B 134 24.60 -3.42 -6.47
CA LYS B 134 24.04 -2.39 -7.29
C LYS B 134 24.04 -2.79 -8.78
N TYR B 135 25.18 -3.30 -9.24
CA TYR B 135 25.40 -3.64 -10.64
C TYR B 135 25.20 -5.06 -11.18
N CYS B 136 25.18 -6.06 -10.31
CA CYS B 136 25.02 -7.43 -10.76
C CYS B 136 23.73 -8.07 -10.34
N LEU B 137 23.44 -7.96 -9.06
CA LEU B 137 22.27 -8.60 -8.49
C LEU B 137 20.97 -8.26 -9.18
N PRO B 138 20.78 -7.00 -9.57
CA PRO B 138 19.52 -6.66 -10.25
C PRO B 138 19.30 -7.36 -11.61
N LYS B 139 20.34 -8.01 -12.15
CA LYS B 139 20.25 -8.70 -13.44
C LYS B 139 20.15 -10.20 -13.32
N LEU B 140 20.18 -10.65 -12.07
CA LEU B 140 20.16 -12.07 -11.73
C LEU B 140 18.95 -12.46 -10.93
N VAL B 141 18.29 -11.43 -10.41
CA VAL B 141 17.14 -11.58 -9.55
C VAL B 141 16.06 -10.57 -9.83
N ASP B 142 14.86 -11.05 -10.09
CA ASP B 142 13.72 -10.18 -10.31
C ASP B 142 12.84 -10.50 -9.09
N GLU B 143 12.23 -9.50 -8.46
CA GLU B 143 11.40 -9.82 -7.32
C GLU B 143 10.19 -10.54 -7.91
N ARG B 144 10.00 -10.36 -9.23
CA ARG B 144 8.91 -10.98 -10.02
C ARG B 144 8.92 -12.54 -9.90
N ASN B 145 9.33 -13.22 -10.97
CA ASN B 145 9.40 -14.69 -10.96
C ASN B 145 10.88 -15.11 -10.93
N ASP B 146 11.34 -15.63 -9.80
CA ASP B 146 12.75 -16.01 -9.66
C ASP B 146 13.12 -17.35 -10.32
N TYR B 147 14.08 -17.27 -11.26
CA TYR B 147 14.57 -18.47 -11.92
C TYR B 147 15.87 -18.73 -11.23
N TYR B 148 16.55 -19.74 -11.72
CA TYR B 148 17.83 -20.15 -11.23
C TYR B 148 18.98 -19.30 -11.80
N VAL B 149 20.13 -19.40 -11.12
CA VAL B 149 21.36 -18.68 -11.48
C VAL B 149 22.55 -19.64 -11.60
N ALA B 150 23.28 -19.59 -12.71
CA ALA B 150 24.47 -20.41 -12.87
C ALA B 150 25.61 -19.55 -12.26
N VAL B 151 26.34 -20.06 -11.26
CA VAL B 151 27.44 -19.28 -10.68
C VAL B 151 28.69 -19.95 -11.27
N CYS B 152 29.52 -19.14 -11.95
CA CYS B 152 30.70 -19.63 -12.67
C CYS B 152 31.92 -18.85 -12.18
N VAL B 153 32.89 -19.60 -11.69
CA VAL B 153 34.04 -19.01 -11.05
C VAL B 153 35.36 -19.36 -11.67
N LEU B 154 36.24 -18.36 -11.68
CA LEU B 154 37.56 -18.53 -12.23
C LEU B 154 38.61 -18.32 -11.12
N LYS B 155 39.41 -19.34 -10.84
CA LYS B 155 40.44 -19.21 -9.82
C LYS B 155 41.26 -17.95 -10.11
N PRO B 156 41.74 -17.27 -9.05
CA PRO B 156 42.53 -16.03 -9.19
C PRO B 156 43.66 -16.15 -10.25
N GLY B 157 44.35 -17.29 -10.26
CA GLY B 157 45.40 -17.45 -11.26
C GLY B 157 45.10 -18.25 -12.53
N PHE B 158 43.98 -17.98 -13.21
CA PHE B 158 43.68 -18.73 -14.42
C PHE B 158 44.59 -18.19 -15.54
N GLU B 159 44.79 -19.02 -16.56
CA GLU B 159 45.61 -18.68 -17.70
C GLU B 159 44.90 -17.69 -18.64
N ASN B 160 45.37 -16.44 -18.67
CA ASN B 160 44.75 -15.41 -19.49
C ASN B 160 44.79 -15.69 -21.01
N GLY B 161 45.80 -16.43 -21.46
CA GLY B 161 45.91 -16.67 -22.88
C GLY B 161 44.93 -17.76 -23.24
N SER B 162 44.21 -18.27 -22.23
CA SER B 162 43.25 -19.34 -22.51
C SER B 162 41.80 -18.97 -22.84
N ASN B 163 41.10 -19.86 -23.53
CA ASN B 163 39.66 -19.63 -23.70
C ASN B 163 39.06 -20.14 -22.34
N GLN B 164 38.14 -19.41 -21.72
CA GLN B 164 37.49 -19.88 -20.48
C GLN B 164 36.12 -20.47 -20.91
N VAL B 165 35.94 -21.77 -20.69
CA VAL B 165 34.73 -22.50 -21.11
C VAL B 165 33.92 -23.20 -20.00
N LEU B 166 32.67 -23.51 -20.30
CA LEU B 166 31.84 -24.21 -19.34
C LEU B 166 30.72 -24.86 -20.14
N SER B 167 30.18 -25.92 -19.61
CA SER B 167 29.07 -26.58 -20.24
C SER B 167 28.33 -27.35 -19.15
N PHE B 168 27.03 -27.48 -19.28
CA PHE B 168 26.24 -28.21 -18.32
C PHE B 168 24.82 -28.49 -18.83
N GLU B 169 24.25 -29.61 -18.40
CA GLU B 169 22.87 -29.97 -18.75
C GLU B 169 22.00 -29.48 -17.62
N TYR B 170 20.87 -28.83 -17.96
CA TYR B 170 19.93 -28.32 -16.96
C TYR B 170 18.50 -28.69 -17.35
N ASN B 171 17.60 -28.65 -16.40
CA ASN B 171 16.19 -29.03 -16.63
C ASN B 171 15.31 -27.80 -16.61
N PRO B 172 14.88 -27.36 -17.79
CA PRO B 172 14.01 -26.20 -17.95
C PRO B 172 12.70 -26.39 -17.16
N ILE B 173 12.22 -25.31 -16.56
CA ILE B 173 10.97 -25.28 -15.81
C ILE B 173 10.00 -24.57 -16.74
N GLY B 174 8.91 -25.23 -17.12
CA GLY B 174 7.94 -24.56 -17.97
C GLY B 174 8.25 -24.28 -19.45
N ASN B 175 8.98 -25.19 -20.12
CA ASN B 175 9.33 -25.06 -21.54
C ASN B 175 9.82 -23.65 -22.03
N LYS B 176 10.64 -23.01 -21.21
CA LYS B 176 11.23 -21.71 -21.51
C LYS B 176 12.75 -21.96 -21.59
N VAL B 177 13.46 -21.14 -22.37
CA VAL B 177 14.93 -21.21 -22.45
C VAL B 177 15.45 -19.78 -22.32
N ILE B 178 16.46 -19.57 -21.49
CA ILE B 178 17.04 -18.24 -21.33
C ILE B 178 18.46 -18.21 -21.97
N VAL B 179 18.68 -17.38 -22.98
CA VAL B 179 19.99 -17.24 -23.64
C VAL B 179 20.60 -16.07 -22.88
N PRO B 180 21.72 -16.30 -22.16
CA PRO B 180 22.37 -15.26 -21.34
C PRO B 180 23.21 -14.15 -21.99
N PHE B 181 22.53 -13.20 -22.61
CA PHE B 181 23.15 -12.04 -23.26
C PHE B 181 23.37 -10.82 -22.35
N ALA B 182 22.58 -10.72 -21.31
CA ALA B 182 22.66 -9.57 -20.39
C ALA B 182 23.93 -9.48 -19.62
N HIS B 183 24.42 -8.26 -19.37
CA HIS B 183 25.67 -8.16 -18.59
C HIS B 183 25.39 -7.34 -17.32
N GLU B 184 26.41 -7.10 -16.51
CA GLU B 184 26.18 -6.30 -15.34
C GLU B 184 25.87 -4.86 -15.84
N ILE B 185 25.14 -4.12 -15.01
CA ILE B 185 24.76 -2.71 -15.27
C ILE B 185 26.04 -1.85 -15.29
N ASN B 186 26.00 -0.72 -15.99
CA ASN B 186 27.08 0.24 -15.99
C ASN B 186 26.45 1.66 -15.95
N ASP B 187 27.21 2.68 -15.56
CA ASP B 187 26.62 4.02 -15.44
C ASP B 187 26.08 4.71 -16.68
N THR B 188 26.74 4.51 -17.82
CA THR B 188 26.33 5.17 -19.05
C THR B 188 24.96 4.82 -19.57
N GLY B 189 24.53 3.58 -19.35
CA GLY B 189 23.23 3.15 -19.85
C GLY B 189 23.34 2.60 -21.27
N LEU B 190 24.56 2.41 -21.75
CA LEU B 190 24.78 1.90 -23.10
C LEU B 190 25.60 0.63 -22.94
N TYR B 191 25.21 -0.45 -23.62
CA TYR B 191 25.95 -1.72 -23.48
C TYR B 191 26.57 -2.30 -24.75
N GLU B 192 27.78 -2.82 -24.60
CA GLU B 192 28.49 -3.39 -25.72
C GLU B 192 28.24 -4.88 -25.79
N TYR B 193 28.01 -5.37 -26.99
CA TYR B 193 27.82 -6.81 -27.14
C TYR B 193 28.84 -7.33 -28.14
N ASP B 194 29.31 -8.55 -27.91
CA ASP B 194 30.21 -9.23 -28.81
C ASP B 194 29.99 -10.71 -28.48
N VAL B 195 28.97 -11.28 -29.12
CA VAL B 195 28.61 -12.63 -28.84
C VAL B 195 27.86 -13.21 -30.06
N VAL B 196 27.99 -14.53 -30.23
CA VAL B 196 27.23 -15.25 -31.28
C VAL B 196 26.61 -16.43 -30.50
N ALA B 197 25.46 -16.92 -30.96
CA ALA B 197 24.80 -18.01 -30.29
C ALA B 197 24.05 -18.90 -31.25
N TYR B 198 24.11 -20.21 -30.98
CA TYR B 198 23.39 -21.19 -31.76
C TYR B 198 22.37 -21.75 -30.72
N VAL B 199 21.06 -21.68 -31.02
CA VAL B 199 20.02 -22.12 -30.07
C VAL B 199 18.99 -23.02 -30.77
N ASP B 200 18.93 -24.28 -30.36
CA ASP B 200 17.98 -25.14 -31.13
C ASP B 200 16.70 -25.55 -30.40
N SER B 201 15.78 -26.10 -31.20
CA SER B 201 14.51 -26.57 -30.70
C SER B 201 13.69 -25.42 -30.04
N VAL B 202 13.61 -24.25 -30.66
CA VAL B 202 12.87 -23.13 -30.05
C VAL B 202 11.86 -22.50 -31.01
N GLN B 203 10.82 -21.91 -30.46
CA GLN B 203 9.83 -21.24 -31.27
C GLN B 203 10.31 -19.86 -31.63
N PHE B 204 9.86 -19.41 -32.78
CA PHE B 204 10.17 -18.09 -33.26
C PHE B 204 9.52 -16.99 -32.37
N ASP B 205 10.20 -15.88 -32.18
CA ASP B 205 9.59 -14.74 -31.45
C ASP B 205 10.03 -13.47 -32.18
N GLY B 206 9.35 -13.18 -33.28
CA GLY B 206 9.72 -12.04 -34.09
C GLY B 206 9.71 -10.67 -33.42
N GLU B 207 8.74 -10.46 -32.54
CA GLU B 207 8.59 -9.18 -31.86
C GLU B 207 9.77 -8.93 -30.94
N GLN B 208 10.21 -10.00 -30.28
CA GLN B 208 11.32 -9.89 -29.35
C GLN B 208 12.61 -9.64 -30.13
N PHE B 209 12.75 -10.30 -31.27
CA PHE B 209 13.97 -10.12 -32.04
C PHE B 209 13.96 -8.70 -32.62
N GLU B 210 12.79 -8.30 -33.10
CA GLU B 210 12.67 -6.93 -33.67
C GLU B 210 13.04 -5.86 -32.64
N GLU B 211 12.47 -5.96 -31.45
CA GLU B 211 12.81 -5.02 -30.39
C GLU B 211 14.33 -5.00 -30.25
N PHE B 212 14.93 -6.17 -30.06
CA PHE B 212 16.38 -6.23 -29.87
C PHE B 212 17.22 -5.65 -31.03
N VAL B 213 16.89 -6.01 -32.27
CA VAL B 213 17.63 -5.52 -33.40
C VAL B 213 17.43 -4.00 -33.65
N GLN B 214 16.22 -3.49 -33.43
CA GLN B 214 15.97 -2.05 -33.63
C GLN B 214 16.77 -1.21 -32.69
N SER B 215 17.09 -1.75 -31.52
CA SER B 215 17.93 -1.04 -30.55
C SER B 215 19.43 -0.97 -30.87
N LEU B 216 19.87 -1.83 -31.78
CA LEU B 216 21.29 -1.92 -32.09
C LEU B 216 21.94 -0.72 -32.79
N ILE B 217 23.13 -0.40 -32.32
CA ILE B 217 23.90 0.67 -32.93
C ILE B 217 25.13 -0.01 -33.60
N LEU B 218 25.33 0.08 -34.93
CA LEU B 218 26.47 -0.59 -35.55
C LEU B 218 27.75 0.25 -35.62
N PRO B 219 28.89 -0.43 -35.72
CA PRO B 219 30.11 0.35 -35.79
C PRO B 219 30.08 1.11 -37.13
N SER B 220 31.08 1.96 -37.37
CA SER B 220 31.17 2.75 -38.61
C SER B 220 32.42 2.28 -39.42
N SER B 221 32.43 2.44 -40.74
CA SER B 221 33.61 2.08 -41.52
C SER B 221 34.16 3.44 -41.95
N PHE B 222 33.56 4.46 -41.33
CA PHE B 222 33.83 5.88 -41.49
C PHE B 222 33.73 6.49 -42.88
N LYS B 223 32.81 5.97 -43.70
CA LYS B 223 32.56 6.43 -45.06
C LYS B 223 31.48 7.51 -45.04
N ASN B 224 31.71 8.56 -45.84
CA ASN B 224 30.79 9.67 -45.94
C ASN B 224 29.32 9.31 -46.15
N SER B 225 29.05 8.40 -47.09
CA SER B 225 27.69 8.02 -47.42
C SER B 225 27.07 6.86 -46.58
N GLU B 226 27.74 6.46 -45.50
CA GLU B 226 27.25 5.34 -44.69
C GLU B 226 25.81 5.42 -44.21
N LYS B 227 25.11 4.32 -44.37
CA LYS B 227 23.78 4.28 -43.85
C LYS B 227 23.54 2.90 -43.22
N VAL B 228 22.87 2.91 -42.08
CA VAL B 228 22.53 1.70 -41.34
C VAL B 228 21.11 1.37 -41.77
N LEU B 229 20.86 0.16 -42.28
CA LEU B 229 19.50 -0.19 -42.69
C LEU B 229 19.02 -1.31 -41.79
N TYR B 230 17.71 -1.34 -41.63
CA TYR B 230 17.08 -2.31 -40.77
C TYR B 230 16.26 -3.26 -41.65
N TYR B 231 16.52 -4.56 -41.51
CA TYR B 231 15.78 -5.55 -42.27
C TYR B 231 14.95 -6.56 -41.46
N ASN B 232 13.74 -6.86 -41.91
CA ASN B 232 12.96 -7.86 -41.24
C ASN B 232 12.47 -8.57 -42.50
N GLU B 233 13.15 -9.63 -42.93
CA GLU B 233 12.79 -10.33 -44.18
C GLU B 233 12.37 -11.76 -43.81
N ALA B 234 11.34 -12.30 -44.47
CA ALA B 234 10.86 -13.64 -44.19
C ALA B 234 10.33 -14.41 -45.39
N SER B 235 10.75 -15.67 -45.52
CA SER B 235 10.25 -16.53 -46.59
C SER B 235 9.52 -17.57 -45.78
N LYS B 236 9.03 -18.61 -46.44
CA LYS B 236 8.34 -19.71 -45.74
C LYS B 236 9.40 -20.55 -44.99
N ASN B 237 10.63 -20.49 -45.48
CA ASN B 237 11.73 -21.26 -44.90
C ASN B 237 12.61 -20.58 -43.84
N LYS B 238 12.70 -19.24 -43.88
CA LYS B 238 13.61 -18.55 -43.00
C LYS B 238 13.15 -17.16 -42.55
N SER B 239 13.65 -16.72 -41.40
CA SER B 239 13.38 -15.37 -40.97
C SER B 239 14.72 -14.69 -40.65
N MET B 240 14.92 -13.47 -41.13
CA MET B 240 16.16 -12.76 -40.88
C MET B 240 15.82 -11.35 -40.41
N ILE B 241 16.27 -11.02 -39.20
CA ILE B 241 16.00 -9.74 -38.57
C ILE B 241 17.36 -9.22 -38.19
N TYR B 242 17.79 -8.18 -38.90
CA TYR B 242 19.11 -7.64 -38.72
C TYR B 242 19.31 -6.19 -39.22
N LYS B 243 20.40 -5.62 -38.78
CA LYS B 243 20.84 -4.33 -39.31
C LYS B 243 22.14 -4.59 -40.06
N ALA B 244 22.40 -3.71 -41.03
CA ALA B 244 23.61 -3.73 -41.85
C ALA B 244 24.05 -2.28 -42.20
N LEU B 245 25.37 -2.09 -42.33
CA LEU B 245 25.96 -0.84 -42.67
C LEU B 245 26.19 -0.95 -44.19
N GLU B 246 25.60 -0.01 -44.89
CA GLU B 246 25.68 0.05 -46.32
C GLU B 246 26.19 1.41 -46.84
N PHE B 247 27.02 1.34 -47.90
CA PHE B 247 27.60 2.52 -48.54
C PHE B 247 28.14 2.10 -49.88
N THR B 248 28.49 3.08 -50.70
CA THR B 248 28.97 2.82 -52.03
C THR B 248 30.32 3.44 -52.28
N THR B 249 31.30 2.65 -52.75
CA THR B 249 32.63 3.17 -53.11
C THR B 249 32.89 2.92 -54.60
N GLU B 250 33.93 3.53 -55.13
CA GLU B 250 34.25 3.37 -56.54
C GLU B 250 34.96 2.06 -56.80
N SER B 251 34.57 1.43 -57.89
CA SER B 251 35.20 0.14 -58.22
C SER B 251 36.56 0.32 -58.89
N SER B 252 37.48 -0.63 -58.74
CA SER B 252 38.76 -0.49 -59.44
C SER B 252 38.69 -1.13 -60.84
N TRP B 253 37.55 -1.75 -61.21
CA TRP B 253 37.42 -2.41 -62.52
C TRP B 253 36.83 -1.62 -63.67
N GLY B 254 36.15 -0.53 -63.37
CA GLY B 254 35.56 0.25 -64.43
C GLY B 254 35.42 1.68 -63.99
N LYS B 255 35.66 2.58 -64.94
CA LYS B 255 35.58 4.02 -64.76
C LYS B 255 34.29 4.41 -64.02
N SER B 256 33.18 3.78 -64.36
CA SER B 256 31.92 4.11 -63.71
C SER B 256 31.28 3.01 -62.83
N GLU B 257 31.96 1.91 -62.54
CA GLU B 257 31.31 0.91 -61.68
C GLU B 257 31.48 1.21 -60.19
N LYS B 258 30.50 0.78 -59.40
CA LYS B 258 30.54 0.95 -57.95
C LYS B 258 30.33 -0.37 -57.21
N TYR B 259 30.82 -0.40 -55.97
CA TYR B 259 30.67 -1.53 -55.06
C TYR B 259 29.53 -1.09 -54.09
N ASN B 260 28.47 -1.88 -53.98
CA ASN B 260 27.39 -1.55 -53.04
C ASN B 260 27.68 -2.41 -51.78
N TRP B 261 28.49 -1.90 -50.88
CA TRP B 261 28.87 -2.61 -49.67
C TRP B 261 27.72 -2.85 -48.70
N LYS B 262 27.71 -4.05 -48.11
CA LYS B 262 26.68 -4.40 -47.12
C LYS B 262 27.47 -5.26 -46.13
N ILE B 263 27.85 -4.65 -44.99
CA ILE B 263 28.69 -5.34 -44.01
C ILE B 263 28.15 -5.14 -42.61
N PHE B 264 28.86 -5.70 -41.64
CA PHE B 264 28.45 -5.68 -40.21
C PHE B 264 26.97 -6.03 -40.02
N CYS B 265 26.53 -7.15 -40.60
CA CYS B 265 25.14 -7.61 -40.44
C CYS B 265 25.04 -8.30 -39.08
N ASN B 266 24.15 -7.80 -38.21
CA ASN B 266 23.96 -8.36 -36.87
C ASN B 266 22.49 -8.48 -36.57
N GLY B 267 22.09 -9.58 -35.94
CA GLY B 267 20.70 -9.76 -35.60
C GLY B 267 20.39 -11.21 -35.29
N PHE B 268 19.24 -11.66 -35.77
CA PHE B 268 18.67 -12.93 -35.52
C PHE B 268 18.24 -13.60 -36.84
N ILE B 269 18.67 -14.84 -37.04
CA ILE B 269 18.29 -15.55 -38.24
C ILE B 269 17.64 -16.83 -37.73
N TYR B 270 16.40 -17.07 -38.14
CA TYR B 270 15.68 -18.24 -37.65
C TYR B 270 15.26 -19.17 -38.77
N ASP B 271 15.63 -20.45 -38.64
CA ASP B 271 15.30 -21.46 -39.60
C ASP B 271 13.92 -22.06 -39.17
N LYS B 272 12.88 -21.69 -39.89
CA LYS B 272 11.49 -22.09 -39.58
C LYS B 272 11.14 -23.56 -39.65
N LYS B 273 11.85 -24.31 -40.48
CA LYS B 273 11.62 -25.75 -40.60
C LYS B 273 12.39 -26.49 -39.54
N SER B 274 13.66 -26.10 -39.34
CA SER B 274 14.54 -26.74 -38.37
C SER B 274 14.36 -26.29 -36.95
N LYS B 275 13.79 -25.09 -36.79
CA LYS B 275 13.57 -24.50 -35.49
C LYS B 275 14.96 -24.17 -34.82
N VAL B 276 15.92 -23.71 -35.61
CA VAL B 276 17.22 -23.32 -35.08
C VAL B 276 17.36 -21.79 -35.20
N LEU B 277 17.93 -21.18 -34.17
CA LEU B 277 18.10 -19.74 -34.08
C LEU B 277 19.60 -19.43 -34.12
N TYR B 278 20.03 -18.46 -34.94
CA TYR B 278 21.44 -18.08 -34.99
C TYR B 278 21.39 -16.59 -34.66
N VAL B 279 22.19 -16.19 -33.70
CA VAL B 279 22.23 -14.84 -33.25
C VAL B 279 23.65 -14.33 -33.42
N LYS B 280 23.79 -13.12 -33.94
CA LYS B 280 25.11 -12.50 -34.09
C LYS B 280 25.05 -11.03 -33.63
N LEU B 281 25.73 -10.69 -32.52
CA LEU B 281 25.75 -9.34 -32.02
C LEU B 281 27.23 -9.08 -31.81
N HIS B 282 27.86 -8.69 -32.89
CA HIS B 282 29.30 -8.51 -32.93
C HIS B 282 29.78 -7.07 -32.97
N ASN B 283 30.36 -6.61 -31.85
CA ASN B 283 30.82 -5.24 -31.74
C ASN B 283 29.70 -4.23 -31.95
N VAL B 284 28.55 -4.44 -31.32
CA VAL B 284 27.46 -3.49 -31.48
C VAL B 284 27.08 -2.98 -30.08
N THR B 285 26.42 -1.82 -30.01
CA THR B 285 26.01 -1.32 -28.72
C THR B 285 24.49 -1.09 -28.73
N SER B 286 23.89 -1.01 -27.54
CA SER B 286 22.45 -0.79 -27.42
C SER B 286 22.13 -0.26 -26.02
N ALA B 287 20.98 0.41 -25.87
CA ALA B 287 20.60 0.88 -24.56
C ALA B 287 19.96 -0.32 -23.83
N LEU B 288 19.64 -1.38 -24.58
CA LEU B 288 19.05 -2.57 -23.95
C LEU B 288 20.14 -3.49 -23.39
N ASN B 289 19.90 -3.96 -22.18
CA ASN B 289 20.85 -4.89 -21.56
C ASN B 289 19.95 -6.04 -21.16
N LYS B 290 19.69 -6.96 -22.08
CA LYS B 290 18.83 -8.09 -21.70
C LYS B 290 19.08 -9.47 -22.27
N ASN B 291 18.54 -10.46 -21.56
CA ASN B 291 18.63 -11.84 -22.04
C ASN B 291 17.51 -12.03 -23.06
N VAL B 292 17.60 -13.10 -23.84
CA VAL B 292 16.55 -13.42 -24.79
C VAL B 292 15.85 -14.61 -24.14
N ILE B 293 14.53 -14.61 -24.15
CA ILE B 293 13.80 -15.69 -23.52
C ILE B 293 12.87 -16.33 -24.52
N LEU B 294 12.95 -17.66 -24.65
CA LEU B 294 12.12 -18.29 -25.67
C LEU B 294 11.33 -19.46 -25.22
N ASN B 295 10.33 -19.86 -26.00
CA ASN B 295 9.63 -21.08 -25.62
C ASN B 295 10.32 -22.18 -26.40
N THR B 296 10.37 -23.38 -25.82
CA THR B 296 10.97 -24.56 -26.44
C THR B 296 9.86 -25.28 -27.25
N ILE B 297 10.27 -26.15 -28.16
CA ILE B 297 9.36 -26.95 -28.98
C ILE B 297 9.25 -28.36 -28.39
N LYS B 298 8.18 -29.03 -28.85
CA LYS B 298 7.78 -30.49 -28.59
C LYS B 298 6.47 -30.18 -27.91
N CYS C 1 12.92 16.47 7.02
CA CYS C 1 13.50 15.10 7.25
C CYS C 1 14.98 15.27 7.33
N VAL C 2 15.66 15.44 6.19
CA VAL C 2 17.11 15.61 6.28
C VAL C 2 17.31 17.08 6.17
N ILE C 3 17.38 17.68 7.34
CA ILE C 3 17.47 19.11 7.49
C ILE C 3 18.81 19.68 7.92
N PHE C 4 19.16 20.78 7.27
CA PHE C 4 20.42 21.48 7.54
C PHE C 4 20.08 22.97 7.51
N PRO C 5 20.75 23.79 8.36
CA PRO C 5 21.74 23.42 9.38
C PRO C 5 21.21 22.31 10.33
N VAL C 6 22.05 21.33 10.63
CA VAL C 6 21.67 20.21 11.48
C VAL C 6 21.07 20.60 12.82
N GLU C 7 21.05 21.89 13.10
CA GLU C 7 20.51 22.34 14.36
C GLU C 7 19.15 23.05 14.35
N ILE C 8 18.37 22.85 13.27
CA ILE C 8 17.03 23.46 13.14
C ILE C 8 15.95 22.53 13.71
N ASP C 9 14.82 23.12 14.14
CA ASP C 9 13.71 22.36 14.74
C ASP C 9 12.38 22.35 13.97
N VAL C 10 11.89 21.13 13.73
CA VAL C 10 10.67 20.94 12.96
C VAL C 10 9.61 20.02 13.60
N SER C 11 8.35 20.24 13.27
CA SER C 11 7.28 19.36 13.77
C SER C 11 6.14 19.32 12.74
N GLN C 12 5.14 18.50 13.02
CA GLN C 12 3.94 18.39 12.17
C GLN C 12 4.19 18.19 10.67
N THR C 13 4.90 17.13 10.33
CA THR C 13 5.20 16.80 8.94
C THR C 13 3.98 16.01 8.37
N ILE C 14 3.48 16.46 7.22
CA ILE C 14 2.33 15.86 6.56
C ILE C 14 2.79 15.51 5.13
N ILE C 15 2.70 14.21 4.81
CA ILE C 15 3.14 13.67 3.55
C ILE C 15 2.01 12.99 2.78
N ARG C 16 1.96 13.24 1.48
CA ARG C 16 0.98 12.58 0.61
C ARG C 16 1.69 12.21 -0.70
N ASP C 17 1.86 10.91 -0.98
CA ASP C 17 2.48 10.48 -2.22
C ASP C 17 1.48 9.61 -3.01
N CYS C 18 1.10 10.09 -4.17
CA CYS C 18 0.07 9.43 -5.01
C CYS C 18 0.44 9.23 -6.45
N GLN C 19 -0.05 8.13 -7.03
CA GLN C 19 0.20 7.88 -8.44
C GLN C 19 -0.59 8.90 -9.24
N VAL C 20 0.01 9.51 -10.26
CA VAL C 20 -0.69 10.53 -11.08
C VAL C 20 -1.13 9.85 -12.38
N ASP C 21 -0.23 9.04 -12.95
CA ASP C 21 -0.53 8.25 -14.15
C ASP C 21 0.38 7.03 -14.14
N LYS C 22 0.44 6.28 -15.23
CA LYS C 22 1.25 5.07 -15.23
C LYS C 22 2.71 5.27 -15.02
N GLN C 23 3.21 6.44 -15.39
CA GLN C 23 4.66 6.72 -15.26
C GLN C 23 5.01 7.78 -14.23
N THR C 24 3.98 8.34 -13.61
CA THR C 24 4.16 9.51 -12.78
C THR C 24 3.50 9.52 -11.41
N ARG C 25 4.23 10.06 -10.43
CA ARG C 25 3.73 10.19 -9.09
C ARG C 25 3.94 11.61 -8.58
N GLU C 26 3.08 12.01 -7.66
CA GLU C 26 3.20 13.31 -7.04
C GLU C 26 3.41 13.21 -5.53
N LEU C 27 4.41 13.93 -5.05
CA LEU C 27 4.69 14.00 -3.61
C LEU C 27 4.27 15.38 -3.06
N VAL C 28 3.44 15.39 -2.02
CA VAL C 28 3.07 16.62 -1.34
C VAL C 28 3.78 16.46 0.02
N TYR C 29 4.56 17.47 0.38
CA TYR C 29 5.29 17.43 1.62
C TYR C 29 5.05 18.74 2.41
N ILE C 30 4.55 18.62 3.63
CA ILE C 30 4.30 19.78 4.47
C ILE C 30 4.99 19.65 5.83
N ASN C 31 5.51 20.75 6.36
CA ASN C 31 6.01 20.67 7.75
C ASN C 31 5.94 22.02 8.36
N LYS C 32 6.56 22.14 9.52
CA LYS C 32 6.55 23.41 10.20
C LYS C 32 7.92 23.71 10.78
N ILE C 33 8.45 24.89 10.48
CA ILE C 33 9.74 25.25 11.02
C ILE C 33 9.45 26.07 12.28
N MET C 34 10.10 25.69 13.38
CA MET C 34 9.90 26.33 14.68
C MET C 34 10.78 27.54 14.94
N ASN C 35 12.06 27.41 14.60
CA ASN C 35 13.04 28.46 14.80
C ASN C 35 12.48 29.75 14.18
N THR C 36 12.60 30.86 14.91
CA THR C 36 12.10 32.15 14.46
C THR C 36 13.23 33.13 14.12
N GLN C 37 14.41 32.86 14.67
CA GLN C 37 15.60 33.71 14.53
C GLN C 37 16.54 33.45 13.33
N LEU C 38 15.99 32.94 12.23
CA LEU C 38 16.81 32.59 11.06
C LEU C 38 17.23 33.70 10.08
N THR C 39 18.48 33.58 9.62
CA THR C 39 19.05 34.53 8.66
C THR C 39 19.47 33.79 7.40
N LYS C 40 20.08 32.61 7.58
CA LYS C 40 20.48 31.78 6.48
C LYS C 40 19.47 30.64 6.34
N PRO C 41 18.90 30.46 5.13
CA PRO C 41 17.90 29.50 4.65
C PRO C 41 17.93 28.06 5.12
N VAL C 42 16.72 27.48 5.21
CA VAL C 42 16.60 26.10 5.65
C VAL C 42 16.81 25.23 4.43
N LEU C 43 17.65 24.21 4.58
CA LEU C 43 17.90 23.30 3.50
C LEU C 43 17.39 21.90 3.90
N MET C 44 16.24 21.53 3.36
CA MET C 44 15.68 20.22 3.60
C MET C 44 15.87 19.38 2.32
N MET C 45 16.41 18.17 2.43
CA MET C 45 16.64 17.34 1.25
C MET C 45 16.26 15.91 1.57
N PHE C 46 15.84 15.15 0.56
CA PHE C 46 15.47 13.75 0.80
C PHE C 46 15.39 13.01 -0.53
N ASN C 47 15.52 11.70 -0.47
CA ASN C 47 15.48 10.87 -1.64
C ASN C 47 14.10 10.64 -2.14
N ILE C 48 14.00 10.50 -3.46
CA ILE C 48 12.73 10.18 -4.17
C ILE C 48 13.12 9.11 -5.15
N SER C 49 12.17 8.33 -5.62
CA SER C 49 12.52 7.22 -6.48
C SER C 49 12.83 7.58 -7.96
N GLY C 50 12.75 8.86 -8.30
CA GLY C 50 13.01 9.26 -9.67
C GLY C 50 13.10 10.78 -9.78
N PRO C 51 13.44 11.32 -10.97
CA PRO C 51 13.56 12.76 -11.17
C PRO C 51 12.29 13.55 -11.17
N ILE C 52 12.34 14.72 -10.58
CA ILE C 52 11.21 15.63 -10.55
C ILE C 52 10.95 16.19 -11.97
N ARG C 53 9.69 16.35 -12.35
CA ARG C 53 9.36 16.91 -13.67
C ARG C 53 8.63 18.25 -13.62
N SER C 54 7.80 18.48 -12.60
CA SER C 54 7.08 19.76 -12.48
C SER C 54 6.93 20.09 -11.01
N VAL C 55 7.24 21.33 -10.66
CA VAL C 55 7.02 21.73 -9.29
C VAL C 55 5.60 22.25 -9.37
N THR C 56 4.78 21.94 -8.35
CA THR C 56 3.40 22.37 -8.41
C THR C 56 2.88 23.20 -7.24
N ARG C 57 1.60 23.52 -7.31
CA ARG C 57 0.91 24.29 -6.27
C ARG C 57 -0.49 23.72 -6.01
N LYS C 58 -0.91 23.75 -4.75
CA LYS C 58 -2.22 23.21 -4.40
C LYS C 58 -3.01 24.32 -3.74
N ASN C 59 -4.29 24.07 -3.50
CA ASN C 59 -5.13 25.03 -2.80
C ASN C 59 -4.58 25.17 -1.35
N ASN C 60 -4.81 26.33 -0.73
CA ASN C 60 -4.35 26.55 0.63
C ASN C 60 -5.06 25.57 1.53
N ASN C 61 -4.33 25.10 2.52
CA ASN C 61 -4.81 24.17 3.51
C ASN C 61 -5.12 22.73 3.02
N LEU C 62 -4.34 22.24 2.05
CA LEU C 62 -4.55 20.86 1.56
C LEU C 62 -4.08 20.05 2.75
N ARG C 63 -3.11 20.62 3.46
CA ARG C 63 -2.55 20.09 4.70
C ARG C 63 -3.63 19.47 5.61
N ASP C 64 -4.64 20.25 5.99
CA ASP C 64 -5.71 19.70 6.83
C ASP C 64 -6.47 18.48 6.27
N ARG C 65 -6.75 18.44 4.96
CA ARG C 65 -7.45 17.29 4.44
C ARG C 65 -6.61 16.00 4.52
N ILE C 66 -5.32 16.07 4.19
CA ILE C 66 -4.46 14.89 4.27
C ILE C 66 -4.36 14.34 5.72
N LYS C 67 -4.07 15.24 6.64
CA LYS C 67 -3.94 14.85 8.03
C LYS C 67 -5.26 14.24 8.55
N SER C 68 -6.39 14.85 8.22
CA SER C 68 -7.65 14.26 8.70
C SER C 68 -7.84 12.84 8.17
N LYS C 69 -7.42 12.59 6.93
CA LYS C 69 -7.56 11.24 6.38
C LYS C 69 -6.73 10.22 7.18
N VAL C 70 -5.49 10.58 7.51
CA VAL C 70 -4.66 9.63 8.28
C VAL C 70 -5.21 9.54 9.75
N ASP C 71 -5.46 10.71 10.38
CA ASP C 71 -6.02 10.71 11.72
C ASP C 71 -7.29 9.82 11.82
N GLU C 72 -8.19 9.94 10.84
CA GLU C 72 -9.42 9.12 10.86
C GLU C 72 -9.09 7.60 11.01
N GLN C 73 -8.03 7.10 10.33
CA GLN C 73 -7.73 5.66 10.44
C GLN C 73 -7.23 5.27 11.81
N PHE C 74 -6.22 5.99 12.29
CA PHE C 74 -5.71 5.70 13.62
C PHE C 74 -6.71 6.02 14.77
N ASP C 75 -7.49 7.10 14.69
CA ASP C 75 -8.46 7.42 15.77
C ASP C 75 -9.42 6.26 16.04
N GLN C 76 -9.71 5.47 15.01
CA GLN C 76 -10.57 4.28 15.17
C GLN C 76 -9.99 3.20 16.07
N LEU C 77 -8.69 3.22 16.26
CA LEU C 77 -8.06 2.19 17.08
C LEU C 77 -8.08 2.54 18.58
N GLU C 78 -8.47 3.78 18.90
CA GLU C 78 -8.41 4.26 20.26
C GLU C 78 -9.65 4.22 21.15
N ARG C 79 -9.40 4.26 22.45
CA ARG C 79 -10.45 4.31 23.46
C ARG C 79 -10.01 5.52 24.31
N ASP C 80 -10.53 6.67 23.98
CA ASP C 80 -10.15 7.90 24.69
C ASP C 80 -11.30 8.36 25.56
N TYR C 81 -11.04 8.68 26.83
CA TYR C 81 -12.12 9.16 27.64
C TYR C 81 -12.06 10.64 27.94
N SER C 82 -11.25 11.38 27.18
CA SER C 82 -11.06 12.83 27.39
C SER C 82 -12.29 13.68 27.12
N ASP C 83 -12.28 14.91 27.65
CA ASP C 83 -13.37 15.88 27.43
C ASP C 83 -12.77 16.96 26.54
N GLN C 84 -12.85 16.77 25.24
CA GLN C 84 -12.29 17.77 24.33
C GLN C 84 -13.42 18.61 23.75
N MET C 85 -13.34 19.92 23.95
CA MET C 85 -14.38 20.84 23.48
C MET C 85 -14.63 20.81 21.95
N ASP C 86 -15.27 21.87 21.45
CA ASP C 86 -15.56 22.02 20.03
C ASP C 86 -14.37 22.73 19.32
N GLY C 87 -13.69 21.98 18.43
CA GLY C 87 -12.56 22.46 17.64
C GLY C 87 -11.64 23.60 18.10
N PHE C 88 -11.73 24.76 17.43
CA PHE C 88 -10.88 25.91 17.77
C PHE C 88 -10.99 26.45 19.23
N HIS C 89 -9.85 26.73 19.85
CA HIS C 89 -9.76 27.29 21.21
C HIS C 89 -8.93 28.58 21.10
N TYR C 94 -5.44 32.18 10.92
CA TYR C 94 -4.81 33.09 9.90
C TYR C 94 -3.56 32.42 9.34
N PHE C 95 -2.83 33.15 8.50
CA PHE C 95 -1.60 32.64 7.86
C PHE C 95 -1.85 31.79 6.59
N LYS C 96 -1.42 32.30 5.43
CA LYS C 96 -1.53 31.54 4.17
C LYS C 96 -0.33 30.58 4.26
N ASP C 97 -0.26 29.58 3.40
CA ASP C 97 0.89 28.66 3.46
C ASP C 97 2.12 29.27 2.77
N GLU C 98 3.31 29.09 3.35
CA GLU C 98 4.55 29.56 2.75
C GLU C 98 5.06 28.41 1.81
N HIS C 99 6.04 28.68 0.94
CA HIS C 99 6.52 27.61 0.05
C HIS C 99 8.03 27.44 -0.06
N TYR C 100 8.50 26.18 -0.15
CA TYR C 100 9.92 25.86 -0.35
C TYR C 100 10.22 25.99 -1.85
N SER C 101 11.50 26.24 -2.16
CA SER C 101 11.97 26.33 -3.53
C SER C 101 12.44 24.90 -3.83
N VAL C 102 11.94 24.32 -4.92
CA VAL C 102 12.34 22.95 -5.18
C VAL C 102 13.16 22.70 -6.43
N SER C 103 14.18 21.86 -6.29
CA SER C 103 15.01 21.52 -7.42
C SER C 103 15.43 20.07 -7.18
N CYS C 104 16.02 19.44 -8.20
CA CYS C 104 16.41 18.05 -8.05
C CYS C 104 17.87 17.78 -8.40
N GLN C 105 18.47 16.75 -7.78
CA GLN C 105 19.85 16.30 -8.02
C GLN C 105 19.98 14.78 -7.88
N ASN C 106 20.81 14.12 -8.69
CA ASN C 106 20.95 12.68 -8.48
C ASN C 106 22.07 12.39 -7.47
N GLY C 107 22.13 11.16 -6.98
CA GLY C 107 23.15 10.77 -6.01
C GLY C 107 24.52 11.31 -6.35
N SER C 108 25.03 10.86 -7.49
CA SER C 108 26.35 11.26 -7.99
C SER C 108 26.67 12.73 -7.81
N VAL C 109 25.92 13.60 -8.48
CA VAL C 109 26.22 15.04 -8.41
C VAL C 109 26.24 15.65 -7.00
N LEU C 110 25.37 15.21 -6.10
CA LEU C 110 25.34 15.79 -4.75
C LEU C 110 26.58 15.44 -3.97
N LYS C 111 27.02 14.18 -4.11
CA LYS C 111 28.18 13.65 -3.40
C LYS C 111 29.42 14.50 -3.63
N SER C 112 29.56 15.04 -4.84
CA SER C 112 30.73 15.86 -5.16
C SER C 112 30.43 17.35 -5.20
N LYS C 113 29.21 17.73 -5.54
CA LYS C 113 28.92 19.15 -5.60
C LYS C 113 28.15 19.73 -4.42
N PHE C 114 27.98 18.93 -3.36
CA PHE C 114 27.23 19.39 -2.19
C PHE C 114 27.85 20.65 -1.60
N ALA C 115 29.19 20.69 -1.58
CA ALA C 115 29.94 21.83 -1.07
C ALA C 115 29.45 23.12 -1.75
N LYS C 116 29.34 23.03 -3.06
CA LYS C 116 28.89 24.14 -3.87
C LYS C 116 27.47 24.56 -3.48
N ILE C 117 26.56 23.58 -3.45
CA ILE C 117 25.14 23.84 -3.11
C ILE C 117 25.09 24.57 -1.77
N LEU C 118 25.92 24.13 -0.83
CA LEU C 118 25.93 24.78 0.45
C LEU C 118 26.27 26.27 0.29
N LYS C 119 27.46 26.53 -0.25
CA LYS C 119 27.93 27.90 -0.43
C LYS C 119 26.88 28.77 -1.09
N SER C 120 26.28 28.25 -2.16
CA SER C 120 25.25 28.96 -2.91
C SER C 120 24.14 29.53 -2.05
N HIS C 121 23.91 28.94 -0.88
CA HIS C 121 22.87 29.46 0.02
C HIS C 121 23.45 30.08 1.31
N ASP C 122 24.62 30.73 1.22
CA ASP C 122 25.25 31.39 2.39
C ASP C 122 26.04 30.49 3.34
N TYR C 123 26.21 29.20 3.01
CA TYR C 123 26.96 28.32 3.91
C TYR C 123 28.40 28.10 3.44
N THR C 124 29.19 29.12 3.70
CA THR C 124 30.60 29.21 3.31
C THR C 124 31.67 28.55 4.20
N ASP C 125 31.47 28.56 5.52
CA ASP C 125 32.44 28.01 6.49
C ASP C 125 32.64 26.50 6.57
N LYS C 126 33.86 26.09 6.93
CA LYS C 126 34.20 24.67 7.03
C LYS C 126 33.43 23.98 8.16
N LYS C 127 32.77 24.77 9.00
CA LYS C 127 31.99 24.20 10.10
C LYS C 127 30.71 23.64 9.49
N SER C 128 29.95 24.50 8.84
CA SER C 128 28.72 24.08 8.19
C SER C 128 28.97 22.89 7.27
N ILE C 129 29.90 23.05 6.33
CA ILE C 129 30.20 21.99 5.37
C ILE C 129 30.55 20.62 5.94
N GLU C 130 31.36 20.56 6.99
CA GLU C 130 31.71 19.24 7.51
C GLU C 130 30.49 18.63 8.21
N ALA C 131 29.68 19.47 8.83
CA ALA C 131 28.46 19.02 9.51
C ALA C 131 27.48 18.41 8.52
N TYR C 132 27.32 19.06 7.36
CA TYR C 132 26.42 18.55 6.32
C TYR C 132 26.91 17.20 5.81
N GLU C 133 28.19 17.14 5.48
CA GLU C 133 28.77 15.90 4.99
C GLU C 133 28.79 14.83 6.04
N LYS C 134 28.61 15.21 7.30
CA LYS C 134 28.61 14.19 8.34
C LYS C 134 27.21 13.79 8.76
N TYR C 135 26.32 14.76 8.93
CA TYR C 135 24.96 14.48 9.37
C TYR C 135 23.93 14.27 8.24
N CYS C 136 23.95 15.13 7.22
CA CYS C 136 23.02 15.05 6.11
C CYS C 136 23.37 14.08 4.94
N LEU C 137 24.47 14.36 4.23
CA LEU C 137 24.89 13.57 3.06
C LEU C 137 24.74 12.05 3.12
N PRO C 138 25.07 11.43 4.26
CA PRO C 138 24.96 9.96 4.38
C PRO C 138 23.51 9.39 4.32
N LYS C 139 22.54 10.25 4.54
CA LYS C 139 21.12 9.91 4.52
C LYS C 139 20.57 10.17 3.10
N LEU C 140 21.45 10.66 2.23
CA LEU C 140 21.05 11.02 0.89
C LEU C 140 21.71 10.22 -0.22
N VAL C 141 22.93 9.75 -0.01
CA VAL C 141 23.60 9.02 -1.06
C VAL C 141 23.98 7.62 -0.63
N ASP C 142 23.53 6.64 -1.36
CA ASP C 142 23.84 5.26 -1.03
C ASP C 142 24.49 4.59 -2.25
N GLU C 143 25.63 3.95 -2.00
CA GLU C 143 26.39 3.29 -3.06
C GLU C 143 25.75 1.97 -3.52
N ARG C 144 24.54 1.66 -3.06
CA ARG C 144 23.89 0.41 -3.45
C ARG C 144 22.69 0.65 -4.38
N ASN C 145 22.44 1.92 -4.72
CA ASN C 145 21.35 2.36 -5.59
C ASN C 145 21.69 3.72 -6.22
N ASP C 146 20.77 4.31 -6.97
CA ASP C 146 21.08 5.61 -7.58
C ASP C 146 20.31 6.74 -6.91
N TYR C 147 19.02 6.51 -6.65
CA TYR C 147 18.13 7.48 -6.01
C TYR C 147 18.43 8.96 -6.22
N TYR C 148 17.40 9.69 -6.60
CA TYR C 148 17.54 11.11 -6.82
C TYR C 148 17.31 11.79 -5.47
N VAL C 149 17.56 13.10 -5.42
CA VAL C 149 17.40 13.87 -4.20
C VAL C 149 16.61 15.17 -4.34
N ALA C 150 15.46 15.29 -3.65
CA ALA C 150 14.70 16.55 -3.68
C ALA C 150 15.47 17.61 -2.86
N VAL C 151 15.69 18.79 -3.43
CA VAL C 151 16.38 19.88 -2.75
C VAL C 151 15.38 20.98 -2.46
N CYS C 152 15.07 21.14 -1.18
CA CYS C 152 14.06 22.10 -0.83
C CYS C 152 14.67 23.24 -0.03
N VAL C 153 14.38 24.47 -0.46
CA VAL C 153 14.92 25.65 0.19
C VAL C 153 13.84 26.52 0.79
N LEU C 154 13.99 26.83 2.06
CA LEU C 154 13.01 27.68 2.71
C LEU C 154 13.80 28.94 3.00
N LYS C 155 13.30 30.05 2.50
CA LYS C 155 13.98 31.32 2.68
C LYS C 155 13.60 32.00 3.97
N PRO C 156 14.61 32.62 4.64
CA PRO C 156 14.47 33.34 5.90
C PRO C 156 13.31 34.32 5.86
N GLY C 157 12.74 34.62 7.03
CA GLY C 157 11.64 35.57 7.05
C GLY C 157 10.28 34.96 6.82
N PHE C 158 10.23 33.64 6.70
CA PHE C 158 8.98 32.93 6.50
C PHE C 158 8.24 33.02 7.83
N GLU C 159 6.94 32.73 7.79
CA GLU C 159 6.13 32.74 9.01
C GLU C 159 6.24 31.36 9.70
N ASN C 160 6.20 31.34 11.03
CA ASN C 160 6.29 30.06 11.76
C ASN C 160 4.88 29.54 12.01
N GLY C 161 3.95 30.49 12.10
CA GLY C 161 2.57 30.14 12.31
C GLY C 161 2.01 29.51 11.07
N SER C 162 2.72 29.66 9.95
CA SER C 162 2.30 29.10 8.67
C SER C 162 2.82 27.68 8.52
N ASN C 163 2.37 27.04 7.46
CA ASN C 163 2.86 25.70 7.13
C ASN C 163 3.84 25.96 6.00
N GLN C 164 4.90 25.17 5.92
CA GLN C 164 5.88 25.26 4.84
C GLN C 164 5.53 24.08 3.93
N VAL C 165 5.10 24.39 2.70
CA VAL C 165 4.67 23.35 1.77
C VAL C 165 5.41 23.24 0.44
N LEU C 166 5.39 22.04 -0.09
CA LEU C 166 5.96 21.83 -1.40
C LEU C 166 5.24 20.65 -2.06
N SER C 167 5.28 20.63 -3.39
CA SER C 167 4.68 19.53 -4.09
C SER C 167 5.24 19.48 -5.49
N PHE C 168 5.39 18.27 -6.01
CA PHE C 168 5.93 18.10 -7.33
C PHE C 168 5.63 16.73 -7.85
N GLU C 169 5.70 16.62 -9.17
CA GLU C 169 5.46 15.39 -9.85
C GLU C 169 6.83 14.86 -10.24
N TYR C 170 6.99 13.56 -10.14
CA TYR C 170 8.25 12.93 -10.49
C TYR C 170 7.98 11.58 -11.13
N ASN C 171 8.95 11.10 -11.88
CA ASN C 171 8.87 9.83 -12.61
C ASN C 171 9.63 8.75 -11.86
N PRO C 172 8.92 7.88 -11.11
CA PRO C 172 9.63 6.82 -10.39
C PRO C 172 10.44 5.89 -11.31
N ILE C 173 11.65 5.59 -10.90
CA ILE C 173 12.49 4.65 -11.67
C ILE C 173 12.38 3.27 -11.03
N GLY C 174 12.22 2.24 -11.84
CA GLY C 174 12.16 0.90 -11.29
C GLY C 174 10.94 0.54 -10.43
N ASN C 175 9.79 1.19 -10.65
CA ASN C 175 8.57 0.83 -9.90
C ASN C 175 8.73 0.99 -8.35
N LYS C 176 9.43 2.02 -7.92
CA LYS C 176 9.63 2.18 -6.50
C LYS C 176 9.09 3.51 -5.95
N VAL C 177 8.82 3.55 -4.65
CA VAL C 177 8.39 4.78 -3.98
C VAL C 177 9.17 4.87 -2.66
N ILE C 178 9.75 6.04 -2.43
CA ILE C 178 10.50 6.25 -1.23
C ILE C 178 9.65 7.20 -0.40
N VAL C 179 9.21 6.78 0.79
CA VAL C 179 8.46 7.68 1.66
C VAL C 179 9.55 8.29 2.56
N PRO C 180 9.82 9.61 2.43
CA PRO C 180 10.85 10.36 3.17
C PRO C 180 10.75 10.61 4.70
N PHE C 181 10.86 9.56 5.53
CA PHE C 181 10.78 9.67 6.99
C PHE C 181 12.15 9.95 7.62
N ALA C 182 13.22 9.46 7.00
CA ALA C 182 14.59 9.60 7.53
C ALA C 182 14.94 11.04 7.74
N HIS C 183 15.65 11.26 8.84
CA HIS C 183 16.12 12.57 9.30
C HIS C 183 17.64 12.65 9.13
N GLU C 184 18.17 13.86 9.33
CA GLU C 184 19.62 14.03 9.33
C GLU C 184 20.10 13.25 10.57
N ILE C 185 21.34 12.78 10.53
CA ILE C 185 21.90 12.06 11.65
C ILE C 185 22.09 12.99 12.90
N ASN C 186 22.04 12.41 14.09
CA ASN C 186 22.34 13.22 15.28
C ASN C 186 23.17 12.31 16.23
N ASP C 187 23.89 12.91 17.16
CA ASP C 187 24.76 12.10 18.03
C ASP C 187 24.14 11.18 19.09
N THR C 188 22.88 11.42 19.48
CA THR C 188 22.19 10.59 20.49
C THR C 188 21.82 9.21 19.94
N GLY C 189 21.64 9.12 18.62
CA GLY C 189 21.29 7.83 18.01
C GLY C 189 19.79 7.52 18.17
N LEU C 190 19.02 8.50 18.64
CA LEU C 190 17.60 8.32 18.83
C LEU C 190 16.95 9.34 17.94
N TYR C 191 15.83 8.97 17.33
CA TYR C 191 15.13 9.87 16.46
C TYR C 191 13.68 10.04 16.86
N GLU C 192 13.29 11.30 16.84
CA GLU C 192 11.97 11.69 17.20
C GLU C 192 11.18 11.83 15.90
N TYR C 193 10.00 11.26 15.84
CA TYR C 193 9.19 11.43 14.64
C TYR C 193 7.91 12.18 14.96
N ASP C 194 7.39 12.88 13.98
CA ASP C 194 6.15 13.58 14.17
C ASP C 194 5.64 13.83 12.76
N VAL C 195 5.14 12.74 12.19
CA VAL C 195 4.71 12.76 10.82
C VAL C 195 3.51 11.83 10.54
N VAL C 196 2.66 12.20 9.57
CA VAL C 196 1.58 11.28 9.13
C VAL C 196 1.75 11.23 7.61
N ALA C 197 1.59 10.05 7.00
CA ALA C 197 1.67 10.03 5.56
C ALA C 197 0.50 9.23 4.94
N TYR C 198 0.08 9.67 3.75
CA TYR C 198 -0.94 8.99 2.98
C TYR C 198 -0.17 8.64 1.70
N VAL C 199 -0.08 7.34 1.40
CA VAL C 199 0.69 6.90 0.22
C VAL C 199 -0.20 5.91 -0.52
N ASP C 200 -0.64 6.24 -1.75
CA ASP C 200 -1.49 5.29 -2.50
C ASP C 200 -0.77 4.50 -3.56
N SER C 201 -1.51 3.62 -4.20
CA SER C 201 -0.97 2.73 -5.23
C SER C 201 0.30 2.03 -4.79
N VAL C 202 0.31 1.41 -3.61
CA VAL C 202 1.54 0.69 -3.22
C VAL C 202 1.25 -0.70 -2.70
N GLN C 203 2.23 -1.61 -2.81
CA GLN C 203 2.07 -2.97 -2.29
C GLN C 203 2.42 -3.05 -0.81
N PHE C 204 1.74 -3.96 -0.14
CA PHE C 204 1.91 -4.20 1.29
C PHE C 204 3.28 -4.78 1.50
N ASP C 205 3.96 -4.35 2.57
CA ASP C 205 5.27 -4.88 2.93
C ASP C 205 5.18 -5.16 4.46
N GLY C 206 4.48 -6.25 4.82
CA GLY C 206 4.26 -6.62 6.20
C GLY C 206 5.48 -6.59 7.10
N GLU C 207 6.58 -7.14 6.59
CA GLU C 207 7.82 -7.20 7.33
C GLU C 207 8.54 -5.90 7.52
N GLN C 208 8.50 -5.04 6.51
CA GLN C 208 9.17 -3.76 6.67
C GLN C 208 8.41 -2.91 7.73
N PHE C 209 7.10 -3.09 7.80
CA PHE C 209 6.27 -2.34 8.73
C PHE C 209 6.48 -2.84 10.17
N GLU C 210 6.47 -4.16 10.32
CA GLU C 210 6.68 -4.83 11.59
C GLU C 210 7.99 -4.33 12.17
N GLU C 211 9.03 -4.38 11.38
CA GLU C 211 10.33 -3.96 11.89
C GLU C 211 10.30 -2.51 12.36
N PHE C 212 9.73 -1.62 11.57
CA PHE C 212 9.72 -0.22 11.94
C PHE C 212 8.87 0.02 13.22
N VAL C 213 7.69 -0.59 13.30
CA VAL C 213 6.81 -0.39 14.48
C VAL C 213 7.42 -0.92 15.77
N GLN C 214 7.99 -2.13 15.72
CA GLN C 214 8.63 -2.76 16.88
C GLN C 214 9.72 -1.89 17.46
N SER C 215 10.36 -1.09 16.61
CA SER C 215 11.40 -0.23 17.15
C SER C 215 10.84 1.04 17.85
N LEU C 216 9.53 1.27 17.81
CA LEU C 216 9.05 2.54 18.40
C LEU C 216 8.96 2.64 19.92
N ILE C 217 9.34 3.80 20.43
CA ILE C 217 9.21 4.14 21.83
C ILE C 217 8.05 5.16 21.90
N LEU C 218 6.96 4.81 22.59
CA LEU C 218 5.81 5.70 22.69
C LEU C 218 5.85 6.76 23.78
N PRO C 219 5.06 7.80 23.61
CA PRO C 219 5.07 8.84 24.65
C PRO C 219 4.25 8.23 25.85
N SER C 220 4.45 8.80 27.02
CA SER C 220 3.78 8.32 28.23
C SER C 220 2.63 9.17 28.62
N SER C 221 1.76 8.60 29.44
CA SER C 221 0.66 9.34 29.98
C SER C 221 0.93 9.58 31.48
N PHE C 222 2.12 9.17 31.93
CA PHE C 222 2.52 9.36 33.34
C PHE C 222 1.53 8.71 34.29
N LYS C 223 1.13 7.47 33.93
CA LYS C 223 0.19 6.65 34.68
C LYS C 223 0.96 5.47 35.27
N ASN C 224 0.53 5.01 36.45
CA ASN C 224 1.12 3.85 37.09
C ASN C 224 0.79 2.57 36.32
N SER C 225 -0.42 2.46 35.78
CA SER C 225 -0.84 1.28 35.03
C SER C 225 -0.58 1.27 33.52
N GLU C 226 0.20 2.21 32.97
CA GLU C 226 0.38 2.20 31.52
C GLU C 226 1.32 1.16 30.97
N LYS C 227 0.93 0.56 29.84
CA LYS C 227 1.83 -0.32 29.15
C LYS C 227 1.77 -0.16 27.65
N VAL C 228 2.86 -0.52 26.99
CA VAL C 228 2.94 -0.43 25.56
C VAL C 228 2.61 -1.80 24.99
N LEU C 229 1.58 -1.88 24.15
CA LEU C 229 1.22 -3.13 23.53
C LEU C 229 1.49 -3.05 22.01
N TYR C 230 2.00 -4.16 21.48
CA TYR C 230 2.30 -4.24 20.06
C TYR C 230 1.17 -5.01 19.37
N TYR C 231 0.66 -4.46 18.28
CA TYR C 231 -0.43 -5.10 17.53
C TYR C 231 -0.09 -5.38 16.08
N ASN C 232 -0.35 -6.59 15.63
CA ASN C 232 -0.15 -6.92 14.23
C ASN C 232 -1.45 -7.67 13.88
N GLU C 233 -2.51 -6.92 13.58
CA GLU C 233 -3.80 -7.53 13.28
C GLU C 233 -4.24 -7.25 11.85
N ALA C 234 -5.27 -7.96 11.42
CA ALA C 234 -5.78 -7.80 10.08
C ALA C 234 -7.29 -7.67 10.10
N SER C 235 -7.84 -7.55 8.90
CA SER C 235 -9.29 -7.47 8.67
C SER C 235 -9.36 -8.20 7.32
N LYS C 236 -8.17 -8.55 6.82
CA LYS C 236 -7.97 -9.25 5.56
C LYS C 236 -8.66 -8.45 4.42
N ASN C 237 -8.36 -7.15 4.45
CA ASN C 237 -8.88 -6.15 3.53
C ASN C 237 -8.33 -4.86 4.17
N LYS C 238 -7.69 -5.07 5.31
CA LYS C 238 -7.10 -4.01 6.10
C LYS C 238 -6.04 -4.67 6.99
N SER C 239 -4.88 -4.06 7.07
CA SER C 239 -3.86 -4.60 7.95
C SER C 239 -3.38 -3.44 8.84
N MET C 240 -3.33 -3.72 10.14
CA MET C 240 -2.91 -2.76 11.13
C MET C 240 -1.71 -3.25 11.93
N ILE C 241 -0.57 -2.58 11.76
CA ILE C 241 0.61 -2.95 12.51
C ILE C 241 0.98 -1.69 13.28
N TYR C 242 0.88 -1.73 14.61
CA TYR C 242 1.16 -0.56 15.46
C TYR C 242 1.36 -0.85 16.94
N LYS C 243 1.73 0.17 17.68
CA LYS C 243 1.86 0.07 19.11
C LYS C 243 0.83 1.06 19.68
N ALA C 244 0.35 0.79 20.87
CA ALA C 244 -0.61 1.63 21.56
C ALA C 244 -0.22 1.71 23.04
N LEU C 245 -0.62 2.79 23.72
CA LEU C 245 -0.35 2.90 25.16
C LEU C 245 -1.67 2.61 25.83
N GLU C 246 -1.72 1.59 26.68
CA GLU C 246 -2.92 1.24 27.40
C GLU C 246 -2.79 1.34 28.91
N PHE C 247 -3.87 1.84 29.52
CA PHE C 247 -3.89 2.00 30.96
C PHE C 247 -5.32 2.09 31.46
N THR C 248 -5.47 1.92 32.77
CA THR C 248 -6.75 1.98 33.44
C THR C 248 -6.72 3.07 34.49
N THR C 249 -7.86 3.72 34.67
CA THR C 249 -7.99 4.69 35.70
C THR C 249 -9.29 4.21 36.33
N GLU C 250 -9.59 4.72 37.52
CA GLU C 250 -10.81 4.39 38.25
C GLU C 250 -10.92 5.39 39.38
N SER C 251 -12.13 5.60 39.87
CA SER C 251 -12.26 6.48 41.01
C SER C 251 -13.44 5.91 41.71
N SER C 252 -13.17 5.08 42.72
CA SER C 252 -14.23 4.41 43.50
C SER C 252 -15.09 5.38 44.33
N TRP C 253 -14.87 6.68 44.11
CA TRP C 253 -15.63 7.76 44.75
C TRP C 253 -17.11 7.49 44.44
N GLY C 254 -17.55 7.92 43.25
CA GLY C 254 -18.94 7.71 42.84
C GLY C 254 -19.30 6.23 42.89
N LYS C 255 -18.90 5.47 41.86
CA LYS C 255 -19.14 4.03 41.84
C LYS C 255 -17.85 3.42 41.32
N SER C 256 -17.56 2.17 41.70
CA SER C 256 -16.33 1.49 41.25
C SER C 256 -16.32 1.33 39.71
N GLU C 257 -16.12 2.46 39.03
CA GLU C 257 -16.08 2.52 37.58
C GLU C 257 -14.62 2.52 37.06
N LYS C 258 -14.34 1.64 36.11
CA LYS C 258 -13.01 1.59 35.50
C LYS C 258 -13.03 1.90 34.00
N TYR C 259 -12.10 2.75 33.60
CA TYR C 259 -11.98 3.12 32.20
C TYR C 259 -10.72 2.45 31.70
N ASN C 260 -10.83 1.77 30.56
CA ASN C 260 -9.69 1.14 29.92
C ASN C 260 -9.34 2.01 28.69
N TRP C 261 -8.24 2.74 28.79
CA TRP C 261 -7.74 3.67 27.79
C TRP C 261 -6.82 2.93 26.83
N LYS C 262 -6.81 3.39 25.59
CA LYS C 262 -5.94 2.84 24.55
C LYS C 262 -5.73 4.07 23.67
N ILE C 263 -4.57 4.69 23.82
CA ILE C 263 -4.27 5.93 23.08
C ILE C 263 -2.87 5.90 22.47
N PHE C 264 -2.50 7.01 21.84
CA PHE C 264 -1.19 7.13 21.19
C PHE C 264 -0.93 5.94 20.20
N CYS C 265 -1.94 5.55 19.43
CA CYS C 265 -1.76 4.48 18.46
C CYS C 265 -0.91 5.00 17.32
N ASN C 266 0.25 4.37 17.11
CA ASN C 266 1.22 4.76 16.07
C ASN C 266 1.73 3.55 15.28
N GLY C 267 1.80 3.74 13.97
CA GLY C 267 2.23 2.67 13.09
C GLY C 267 1.74 2.78 11.66
N PHE C 268 1.39 1.63 11.12
CA PHE C 268 0.96 1.46 9.74
C PHE C 268 -0.39 0.78 9.52
N ILE C 269 -1.25 1.43 8.74
CA ILE C 269 -2.55 0.87 8.40
C ILE C 269 -2.59 0.79 6.86
N TYR C 270 -2.58 -0.44 6.35
CA TYR C 270 -2.68 -0.70 4.92
C TYR C 270 -4.08 -1.23 4.48
N ASP C 271 -4.77 -0.48 3.61
CA ASP C 271 -6.08 -0.88 3.10
C ASP C 271 -5.85 -1.79 1.87
N LYS C 272 -5.89 -3.11 2.09
CA LYS C 272 -5.64 -4.13 1.06
C LYS C 272 -6.57 -4.10 -0.15
N LYS C 273 -7.72 -3.46 0.03
CA LYS C 273 -8.75 -3.28 -1.01
C LYS C 273 -8.28 -2.13 -1.93
N SER C 274 -8.23 -0.90 -1.40
CA SER C 274 -7.80 0.26 -2.20
C SER C 274 -6.29 0.38 -2.46
N LYS C 275 -5.48 -0.44 -1.81
CA LYS C 275 -4.02 -0.40 -1.97
C LYS C 275 -3.44 0.89 -1.40
N VAL C 276 -4.03 1.40 -0.29
CA VAL C 276 -3.57 2.64 0.32
C VAL C 276 -2.84 2.47 1.66
N LEU C 277 -1.76 3.21 1.87
CA LEU C 277 -1.02 3.09 3.14
C LEU C 277 -1.15 4.36 3.96
N TYR C 278 -1.61 4.18 5.20
CA TYR C 278 -1.74 5.29 6.12
C TYR C 278 -0.65 5.12 7.17
N VAL C 279 0.18 6.14 7.41
CA VAL C 279 1.25 6.01 8.40
C VAL C 279 1.16 7.15 9.40
N LYS C 280 1.25 6.78 10.69
CA LYS C 280 1.24 7.72 11.79
C LYS C 280 2.38 7.46 12.82
N LEU C 281 3.31 8.40 12.88
CA LEU C 281 4.47 8.32 13.83
C LEU C 281 4.48 9.74 14.50
N HIS C 282 3.59 9.92 15.46
CA HIS C 282 3.34 11.19 16.16
C HIS C 282 3.93 11.18 17.60
N ASN C 283 5.01 11.92 17.79
CA ASN C 283 5.71 12.01 19.06
C ASN C 283 6.24 10.67 19.52
N VAL C 284 6.77 9.89 18.60
CA VAL C 284 7.38 8.62 18.92
C VAL C 284 8.89 8.78 18.63
N THR C 285 9.69 7.98 19.28
CA THR C 285 11.11 8.08 19.11
C THR C 285 11.54 6.67 18.72
N SER C 286 12.62 6.59 17.97
CA SER C 286 13.11 5.28 17.56
C SER C 286 14.58 5.42 17.30
N ALA C 287 15.24 4.26 17.34
CA ALA C 287 16.65 4.15 17.02
C ALA C 287 16.73 4.12 15.47
N LEU C 288 15.73 3.54 14.80
CA LEU C 288 15.79 3.49 13.34
C LEU C 288 15.59 4.88 12.74
N ASN C 289 16.45 5.21 11.77
CA ASN C 289 16.36 6.51 11.06
C ASN C 289 16.35 6.13 9.55
N LYS C 290 15.20 5.69 9.06
CA LYS C 290 15.13 5.24 7.68
C LYS C 290 13.85 5.56 6.97
N ASN C 291 13.95 5.68 5.66
CA ASN C 291 12.80 5.95 4.84
C ASN C 291 12.07 4.61 4.70
N VAL C 292 10.84 4.66 4.23
CA VAL C 292 10.09 3.46 3.96
C VAL C 292 10.13 3.36 2.41
N ILE C 293 10.49 2.18 1.94
CA ILE C 293 10.61 1.95 0.52
C ILE C 293 9.64 0.82 0.11
N LEU C 294 8.76 1.14 -0.83
CA LEU C 294 7.75 0.19 -1.31
C LEU C 294 7.71 0.03 -2.82
N ASN C 295 6.94 -0.96 -3.30
CA ASN C 295 6.74 -1.18 -4.74
C ASN C 295 5.36 -0.60 -5.15
N THR C 296 5.28 0.03 -6.32
CA THR C 296 4.02 0.58 -6.78
C THR C 296 3.18 -0.58 -7.31
N ILE C 297 1.86 -0.44 -7.20
CA ILE C 297 0.96 -1.45 -7.67
C ILE C 297 1.10 -1.57 -9.20
N LYS C 298 1.20 -2.78 -9.70
CA LYS C 298 1.29 -2.94 -11.15
C LYS C 298 -0.05 -3.55 -11.60
N ALA C 299 -0.94 -2.69 -12.11
CA ALA C 299 -2.28 -3.09 -12.56
C ALA C 299 -2.22 -3.88 -13.85
P PO4 D . -16.88 -1.14 27.29
O1 PO4 D . -18.07 -1.11 28.22
O2 PO4 D . -15.67 -0.59 28.03
O3 PO4 D . -16.59 -2.56 26.83
O4 PO4 D . -17.21 -0.31 26.08
P PO4 E . -15.76 -2.88 22.97
O1 PO4 E . -16.11 -1.67 23.83
O2 PO4 E . -16.89 -3.91 23.06
O3 PO4 E . -15.61 -2.50 21.51
O4 PO4 E . -14.43 -3.43 23.48
C1 EDO F . -47.84 -0.71 7.67
O1 EDO F . -48.09 -0.74 6.24
C2 EDO F . -47.15 -1.99 8.06
O2 EDO F . -46.50 -1.82 9.31
C1 EDO G . -19.36 -2.49 20.34
O1 EDO G . -18.00 -2.92 20.07
C2 EDO G . -20.10 -3.48 21.18
O2 EDO G . -19.53 -3.49 22.46
P PO4 H . 35.94 -9.84 -37.08
O1 PO4 H . 35.47 -11.06 -36.28
O2 PO4 H . 36.28 -8.70 -36.13
O3 PO4 H . 37.18 -10.19 -37.86
O4 PO4 H . 34.86 -9.47 -38.05
C1 EDO I . 27.65 -26.17 -34.02
O1 EDO I . 28.45 -26.59 -32.88
C2 EDO I . 26.23 -26.69 -33.92
O2 EDO I . 26.11 -27.45 -32.75
#